data_1U01
# 
_entry.id   1U01 
# 
_audit_conform.dict_name       mmcif_pdbx.dic 
_audit_conform.dict_version    5.392 
_audit_conform.dict_location   http://mmcif.pdb.org/dictionaries/ascii/mmcif_pdbx.dic 
# 
loop_
_database_2.database_id 
_database_2.database_code 
_database_2.pdbx_database_accession 
_database_2.pdbx_DOI 
PDB   1U01         pdb_00001u01 10.2210/pdb1u01/pdb 
RCSB  RCSB023075   ?            ?                   
WWPDB D_1000023075 ?            ?                   
# 
loop_
_pdbx_audit_revision_history.ordinal 
_pdbx_audit_revision_history.data_content_type 
_pdbx_audit_revision_history.major_revision 
_pdbx_audit_revision_history.minor_revision 
_pdbx_audit_revision_history.revision_date 
1 'Structure model' 1 0 2005-05-31 
2 'Structure model' 1 1 2008-04-30 
3 'Structure model' 1 2 2011-07-13 
4 'Structure model' 1 3 2022-03-02 
5 'Structure model' 1 4 2024-05-22 
# 
_pdbx_audit_revision_details.ordinal             1 
_pdbx_audit_revision_details.revision_ordinal    1 
_pdbx_audit_revision_details.data_content_type   'Structure model' 
_pdbx_audit_revision_details.provider            repository 
_pdbx_audit_revision_details.type                'Initial release' 
_pdbx_audit_revision_details.description         ? 
_pdbx_audit_revision_details.details             ? 
# 
loop_
_pdbx_audit_revision_group.ordinal 
_pdbx_audit_revision_group.revision_ordinal 
_pdbx_audit_revision_group.data_content_type 
_pdbx_audit_revision_group.group 
1 2 'Structure model' 'Version format compliance' 
2 3 'Structure model' 'Version format compliance' 
3 4 'Structure model' 'Data collection'           
4 4 'Structure model' 'Database references'       
5 4 'Structure model' 'Derived calculations'      
6 5 'Structure model' 'Data collection'           
# 
loop_
_pdbx_audit_revision_category.ordinal 
_pdbx_audit_revision_category.revision_ordinal 
_pdbx_audit_revision_category.data_content_type 
_pdbx_audit_revision_category.category 
1 4 'Structure model' database_2            
2 4 'Structure model' pdbx_nmr_software     
3 4 'Structure model' pdbx_struct_assembly  
4 4 'Structure model' pdbx_struct_oper_list 
5 4 'Structure model' struct_conn           
6 5 'Structure model' chem_comp_atom        
7 5 'Structure model' chem_comp_bond        
# 
loop_
_pdbx_audit_revision_item.ordinal 
_pdbx_audit_revision_item.revision_ordinal 
_pdbx_audit_revision_item.data_content_type 
_pdbx_audit_revision_item.item 
1 4 'Structure model' '_database_2.pdbx_DOI'                
2 4 'Structure model' '_database_2.pdbx_database_accession' 
3 4 'Structure model' '_pdbx_nmr_software.name'             
4 4 'Structure model' '_struct_conn.pdbx_leaving_atom_flag' 
# 
_pdbx_database_status.status_code                     REL 
_pdbx_database_status.entry_id                        1U01 
_pdbx_database_status.recvd_initial_deposition_date   2004-07-12 
_pdbx_database_status.deposit_site                    RCSB 
_pdbx_database_status.process_site                    RCSB 
_pdbx_database_status.SG_entry                        . 
_pdbx_database_status.status_code_sf                  ? 
_pdbx_database_status.status_code_mr                  ? 
_pdbx_database_status.pdb_format_compatible           Y 
_pdbx_database_status.status_code_cs                  ? 
_pdbx_database_status.status_code_nmr_data            ? 
_pdbx_database_status.methods_development_category    ? 
# 
loop_
_audit_author.name 
_audit_author.pdbx_ordinal 
'Nauwelaerts, K.' 1 
'Lescrinier, E.'  2 
'Sclep, G.'       3 
'Herdewijn, P.'   4 
# 
_citation.id                        primary 
_citation.title                     'Cyclohexenyl nucleic acids: conformationally flexible oligonucleotides.' 
_citation.journal_abbrev            'Nucleic Acids Res.' 
_citation.journal_volume            33 
_citation.page_first                2452 
_citation.page_last                 2463 
_citation.year                      2005 
_citation.journal_id_ASTM           NARHAD 
_citation.country                   UK 
_citation.journal_id_ISSN           0305-1048 
_citation.journal_id_CSD            0389 
_citation.book_publisher            ? 
_citation.pdbx_database_id_PubMed   15863723 
_citation.pdbx_database_id_DOI      10.1093/nar/gki538 
# 
loop_
_citation_author.citation_id 
_citation_author.name 
_citation_author.ordinal 
_citation_author.identifier_ORCID 
primary 'Nauwelaerts, K.' 1 ? 
primary 'Lescrinier, E.'  2 ? 
primary 'Sclep, G.'       3 ? 
primary 'Herdewijn, P.'   4 ? 
# 
loop_
_entity.id 
_entity.type 
_entity.src_method 
_entity.pdbx_description 
_entity.formula_weight 
_entity.pdbx_number_of_molecules 
_entity.pdbx_ec 
_entity.pdbx_mutation 
_entity.pdbx_fragment 
_entity.details 
1 polymer syn "5'-D(*GP*CP*GP*(XTR)P*GP*CP*G)-3'" 2164.460 1 ? ? ? ? 
2 polymer syn "5'-D(*CP*GP*CP*AP*CP*GP*C)-3'"     2083.388 1 ? ? ? ? 
# 
loop_
_entity_poly.entity_id 
_entity_poly.type 
_entity_poly.nstd_linkage 
_entity_poly.nstd_monomer 
_entity_poly.pdbx_seq_one_letter_code 
_entity_poly.pdbx_seq_one_letter_code_can 
_entity_poly.pdbx_strand_id 
_entity_poly.pdbx_target_identifier 
1 polydeoxyribonucleotide no yes '(DG)(DC)(DG)(XTR)(DG)(DC)(DG)' GCGTGCG A ? 
2 polydeoxyribonucleotide no no  '(DC)(DG)(DC)(DA)(DC)(DG)(DC)'  CGCACGC B ? 
# 
loop_
_entity_poly_seq.entity_id 
_entity_poly_seq.num 
_entity_poly_seq.mon_id 
_entity_poly_seq.hetero 
1 1 DG  n 
1 2 DC  n 
1 3 DG  n 
1 4 XTR n 
1 5 DG  n 
1 6 DC  n 
1 7 DG  n 
2 1 DC  n 
2 2 DG  n 
2 3 DC  n 
2 4 DA  n 
2 5 DC  n 
2 6 DG  n 
2 7 DC  n 
# 
_pdbx_entity_src_syn.entity_id              1 
_pdbx_entity_src_syn.pdbx_src_id            1 
_pdbx_entity_src_syn.pdbx_alt_source_flag   sample 
_pdbx_entity_src_syn.pdbx_beg_seq_num       ? 
_pdbx_entity_src_syn.pdbx_end_seq_num       ? 
_pdbx_entity_src_syn.organism_scientific    ? 
_pdbx_entity_src_syn.organism_common_name   ? 
_pdbx_entity_src_syn.ncbi_taxonomy_id       ? 
_pdbx_entity_src_syn.details                'cyclohexenyl nucleotide, phosphoramidite chemistry' 
# 
loop_
_chem_comp.id 
_chem_comp.type 
_chem_comp.mon_nstd_flag 
_chem_comp.name 
_chem_comp.pdbx_synonyms 
_chem_comp.formula 
_chem_comp.formula_weight 
DA  'DNA linking' y "2'-DEOXYADENOSINE-5'-MONOPHOSPHATE" ? 'C10 H14 N5 O6 P' 331.222 
DC  'DNA linking' y "2'-DEOXYCYTIDINE-5'-MONOPHOSPHATE" ? 'C9 H14 N3 O7 P'  307.197 
DG  'DNA linking' y "2'-DEOXYGUANOSINE-5'-MONOPHOSPHATE" ? 'C10 H14 N5 O7 P' 347.221 
XTR 'DNA linking' n 
'[(1R,4S,6S)-6-hydroxy-4-(5-methyl-2,4-dioxo-3,4-dihydropyrimidin-1(2H)-yl)cyclohex-2-en-1-yl]methyl dihydrogen phosphate' ? 
'C12 H17 N2 O7 P' 332.246 
# 
loop_
_pdbx_poly_seq_scheme.asym_id 
_pdbx_poly_seq_scheme.entity_id 
_pdbx_poly_seq_scheme.seq_id 
_pdbx_poly_seq_scheme.mon_id 
_pdbx_poly_seq_scheme.ndb_seq_num 
_pdbx_poly_seq_scheme.pdb_seq_num 
_pdbx_poly_seq_scheme.auth_seq_num 
_pdbx_poly_seq_scheme.pdb_mon_id 
_pdbx_poly_seq_scheme.auth_mon_id 
_pdbx_poly_seq_scheme.pdb_strand_id 
_pdbx_poly_seq_scheme.pdb_ins_code 
_pdbx_poly_seq_scheme.hetero 
A 1 1 DG  1 1  1  DG  G A . n 
A 1 2 DC  2 2  2  DC  C A . n 
A 1 3 DG  3 3  3  DG  G A . n 
A 1 4 XTR 4 4  4  XTR T A . n 
A 1 5 DG  5 5  5  DG  G A . n 
A 1 6 DC  6 6  6  DC  C A . n 
A 1 7 DG  7 7  7  DG  G A . n 
B 2 1 DC  1 8  8  DC  C B . n 
B 2 2 DG  2 9  9  DG  G B . n 
B 2 3 DC  3 10 10 DC  C B . n 
B 2 4 DA  4 11 11 DA  A B . n 
B 2 5 DC  5 12 12 DC  C B . n 
B 2 6 DG  6 13 13 DG  G B . n 
B 2 7 DC  7 14 14 DC  C B . n 
# 
_exptl.entry_id          1U01 
_exptl.method            'SOLUTION NMR' 
_exptl.crystals_number   ? 
# 
_exptl_crystal.id                    1 
_exptl_crystal.density_meas          ? 
_exptl_crystal.density_Matthews      ? 
_exptl_crystal.density_percent_sol   ? 
_exptl_crystal.description           ? 
_exptl_crystal.F_000                 ? 
_exptl_crystal.preparation           ? 
# 
_diffrn.id                     1 
_diffrn.ambient_temp           ? 
_diffrn.ambient_temp_details   ? 
_diffrn.crystal_id             1 
# 
_diffrn_radiation.diffrn_id                        1 
_diffrn_radiation.wavelength_id                    1 
_diffrn_radiation.pdbx_monochromatic_or_laue_m_l   M 
_diffrn_radiation.monochromator                    ? 
_diffrn_radiation.pdbx_diffrn_protocol             'SINGLE WAVELENGTH' 
_diffrn_radiation.pdbx_scattering_type             ? 
# 
_diffrn_radiation_wavelength.id           1 
_diffrn_radiation_wavelength.wavelength   . 
_diffrn_radiation_wavelength.wt           1.0 
# 
_struct.entry_id                  1U01 
_struct.title                     
'High resolution NMR structure of 5-d(GCGT*GCG)-3/5-d(CGCACGC)-3 (T*represents a cyclohexenyl nucleotide)' 
_struct.pdbx_model_details        ? 
_struct.pdbx_CASP_flag            ? 
_struct.pdbx_model_type_details   'minimized average' 
# 
_struct_keywords.entry_id        1U01 
_struct_keywords.pdbx_keywords   DNA 
_struct_keywords.text            'nucleic acid, RNA mimic, DNA' 
# 
loop_
_struct_asym.id 
_struct_asym.pdbx_blank_PDB_chainid_flag 
_struct_asym.pdbx_modified 
_struct_asym.entity_id 
_struct_asym.details 
A N N 1 ? 
B N N 2 ? 
# 
loop_
_struct_ref.id 
_struct_ref.entity_id 
_struct_ref.db_name 
_struct_ref.db_code 
_struct_ref.pdbx_db_accession 
_struct_ref.pdbx_align_begin 
_struct_ref.pdbx_seq_one_letter_code 
_struct_ref.pdbx_db_isoform 
1 1 PDB 1U01 1U01 ? ? ? 
2 2 PDB 1U01 1U01 ? ? ? 
# 
loop_
_struct_ref_seq.align_id 
_struct_ref_seq.ref_id 
_struct_ref_seq.pdbx_PDB_id_code 
_struct_ref_seq.pdbx_strand_id 
_struct_ref_seq.seq_align_beg 
_struct_ref_seq.pdbx_seq_align_beg_ins_code 
_struct_ref_seq.seq_align_end 
_struct_ref_seq.pdbx_seq_align_end_ins_code 
_struct_ref_seq.pdbx_db_accession 
_struct_ref_seq.db_align_beg 
_struct_ref_seq.pdbx_db_align_beg_ins_code 
_struct_ref_seq.db_align_end 
_struct_ref_seq.pdbx_db_align_end_ins_code 
_struct_ref_seq.pdbx_auth_seq_align_beg 
_struct_ref_seq.pdbx_auth_seq_align_end 
1 1 1U01 A 1 ? 7 ? 1U01 1 ? 7  ? 1 7  
2 2 1U01 B 1 ? 7 ? 1U01 8 ? 14 ? 8 14 
# 
_pdbx_struct_assembly.id                   1 
_pdbx_struct_assembly.details              author_defined_assembly 
_pdbx_struct_assembly.method_details       ? 
_pdbx_struct_assembly.oligomeric_details   dimeric 
_pdbx_struct_assembly.oligomeric_count     2 
# 
_pdbx_struct_assembly_gen.assembly_id       1 
_pdbx_struct_assembly_gen.oper_expression   1 
_pdbx_struct_assembly_gen.asym_id_list      A,B 
# 
_pdbx_struct_oper_list.id                   1 
_pdbx_struct_oper_list.type                 'identity operation' 
_pdbx_struct_oper_list.name                 1_555 
_pdbx_struct_oper_list.symmetry_operation   x,y,z 
_pdbx_struct_oper_list.matrix[1][1]         1.0000000000 
_pdbx_struct_oper_list.matrix[1][2]         0.0000000000 
_pdbx_struct_oper_list.matrix[1][3]         0.0000000000 
_pdbx_struct_oper_list.vector[1]            0.0000000000 
_pdbx_struct_oper_list.matrix[2][1]         0.0000000000 
_pdbx_struct_oper_list.matrix[2][2]         1.0000000000 
_pdbx_struct_oper_list.matrix[2][3]         0.0000000000 
_pdbx_struct_oper_list.vector[2]            0.0000000000 
_pdbx_struct_oper_list.matrix[3][1]         0.0000000000 
_pdbx_struct_oper_list.matrix[3][2]         0.0000000000 
_pdbx_struct_oper_list.matrix[3][3]         1.0000000000 
_pdbx_struct_oper_list.vector[3]            0.0000000000 
# 
_struct_biol.id        1 
_struct_biol.details   ? 
# 
loop_
_struct_conn.id 
_struct_conn.conn_type_id 
_struct_conn.pdbx_leaving_atom_flag 
_struct_conn.pdbx_PDB_id 
_struct_conn.ptnr1_label_asym_id 
_struct_conn.ptnr1_label_comp_id 
_struct_conn.ptnr1_label_seq_id 
_struct_conn.ptnr1_label_atom_id 
_struct_conn.pdbx_ptnr1_label_alt_id 
_struct_conn.pdbx_ptnr1_PDB_ins_code 
_struct_conn.pdbx_ptnr1_standard_comp_id 
_struct_conn.ptnr1_symmetry 
_struct_conn.ptnr2_label_asym_id 
_struct_conn.ptnr2_label_comp_id 
_struct_conn.ptnr2_label_seq_id 
_struct_conn.ptnr2_label_atom_id 
_struct_conn.pdbx_ptnr2_label_alt_id 
_struct_conn.pdbx_ptnr2_PDB_ins_code 
_struct_conn.ptnr1_auth_asym_id 
_struct_conn.ptnr1_auth_comp_id 
_struct_conn.ptnr1_auth_seq_id 
_struct_conn.ptnr2_auth_asym_id 
_struct_conn.ptnr2_auth_comp_id 
_struct_conn.ptnr2_auth_seq_id 
_struct_conn.ptnr2_symmetry 
_struct_conn.pdbx_ptnr3_label_atom_id 
_struct_conn.pdbx_ptnr3_label_seq_id 
_struct_conn.pdbx_ptnr3_label_comp_id 
_struct_conn.pdbx_ptnr3_label_asym_id 
_struct_conn.pdbx_ptnr3_label_alt_id 
_struct_conn.pdbx_ptnr3_PDB_ins_code 
_struct_conn.details 
_struct_conn.pdbx_dist_value 
_struct_conn.pdbx_value_order 
_struct_conn.pdbx_role 
covale1  covale both ? A DG  3 "O3'" ? ? ? 1_555 A XTR 4 P  ? ? A DG  3 A XTR 4  1_555 ? ? ? ? ? ? ?            1.618 ? ? 
covale2  covale both ? A XTR 4 "O3'" ? ? ? 1_555 A DG  5 P  ? ? A XTR 4 A DG  5  1_555 ? ? ? ? ? ? ?            1.609 ? ? 
hydrog1  hydrog ?    ? A DG  1 N1    ? ? ? 1_555 B DC  7 N3 ? ? A DG  1 B DC  14 1_555 ? ? ? ? ? ? WATSON-CRICK ?     ? ? 
hydrog2  hydrog ?    ? A DG  1 N2    ? ? ? 1_555 B DC  7 O2 ? ? A DG  1 B DC  14 1_555 ? ? ? ? ? ? WATSON-CRICK ?     ? ? 
hydrog3  hydrog ?    ? A DG  1 O6    ? ? ? 1_555 B DC  7 N4 ? ? A DG  1 B DC  14 1_555 ? ? ? ? ? ? WATSON-CRICK ?     ? ? 
hydrog4  hydrog ?    ? A DC  2 N3    ? ? ? 1_555 B DG  6 N1 ? ? A DC  2 B DG  13 1_555 ? ? ? ? ? ? WATSON-CRICK ?     ? ? 
hydrog5  hydrog ?    ? A DC  2 N4    ? ? ? 1_555 B DG  6 O6 ? ? A DC  2 B DG  13 1_555 ? ? ? ? ? ? WATSON-CRICK ?     ? ? 
hydrog6  hydrog ?    ? A DC  2 O2    ? ? ? 1_555 B DG  6 N2 ? ? A DC  2 B DG  13 1_555 ? ? ? ? ? ? WATSON-CRICK ?     ? ? 
hydrog7  hydrog ?    ? A DG  3 N1    ? ? ? 1_555 B DC  5 N3 ? ? A DG  3 B DC  12 1_555 ? ? ? ? ? ? WATSON-CRICK ?     ? ? 
hydrog8  hydrog ?    ? A DG  3 N2    ? ? ? 1_555 B DC  5 O2 ? ? A DG  3 B DC  12 1_555 ? ? ? ? ? ? WATSON-CRICK ?     ? ? 
hydrog9  hydrog ?    ? A DG  3 O6    ? ? ? 1_555 B DC  5 N4 ? ? A DG  3 B DC  12 1_555 ? ? ? ? ? ? WATSON-CRICK ?     ? ? 
hydrog10 hydrog ?    ? A XTR 4 N3    ? ? ? 1_555 B DA  4 N1 ? ? A XTR 4 B DA  11 1_555 ? ? ? ? ? ? WATSON-CRICK ?     ? ? 
hydrog11 hydrog ?    ? A XTR 4 O4    ? ? ? 1_555 B DA  4 N6 ? ? A XTR 4 B DA  11 1_555 ? ? ? ? ? ? WATSON-CRICK ?     ? ? 
hydrog12 hydrog ?    ? A DG  5 N1    ? ? ? 1_555 B DC  3 N3 ? ? A DG  5 B DC  10 1_555 ? ? ? ? ? ? WATSON-CRICK ?     ? ? 
hydrog13 hydrog ?    ? A DG  5 N2    ? ? ? 1_555 B DC  3 O2 ? ? A DG  5 B DC  10 1_555 ? ? ? ? ? ? WATSON-CRICK ?     ? ? 
hydrog14 hydrog ?    ? A DG  5 O6    ? ? ? 1_555 B DC  3 N4 ? ? A DG  5 B DC  10 1_555 ? ? ? ? ? ? WATSON-CRICK ?     ? ? 
hydrog15 hydrog ?    ? A DC  6 N3    ? ? ? 1_555 B DG  2 N1 ? ? A DC  6 B DG  9  1_555 ? ? ? ? ? ? WATSON-CRICK ?     ? ? 
hydrog16 hydrog ?    ? A DC  6 N4    ? ? ? 1_555 B DG  2 O6 ? ? A DC  6 B DG  9  1_555 ? ? ? ? ? ? WATSON-CRICK ?     ? ? 
hydrog17 hydrog ?    ? A DC  6 O2    ? ? ? 1_555 B DG  2 N2 ? ? A DC  6 B DG  9  1_555 ? ? ? ? ? ? WATSON-CRICK ?     ? ? 
hydrog18 hydrog ?    ? A DG  7 N1    ? ? ? 1_555 B DC  1 N3 ? ? A DG  7 B DC  8  1_555 ? ? ? ? ? ? WATSON-CRICK ?     ? ? 
hydrog19 hydrog ?    ? A DG  7 N2    ? ? ? 1_555 B DC  1 O2 ? ? A DG  7 B DC  8  1_555 ? ? ? ? ? ? WATSON-CRICK ?     ? ? 
hydrog20 hydrog ?    ? A DG  7 O6    ? ? ? 1_555 B DC  1 N4 ? ? A DG  7 B DC  8  1_555 ? ? ? ? ? ? WATSON-CRICK ?     ? ? 
# 
loop_
_struct_conn_type.id 
_struct_conn_type.criteria 
_struct_conn_type.reference 
covale ? ? 
hydrog ? ? 
# 
loop_
_pdbx_validate_rmsd_angle.id 
_pdbx_validate_rmsd_angle.PDB_model_num 
_pdbx_validate_rmsd_angle.auth_atom_id_1 
_pdbx_validate_rmsd_angle.auth_asym_id_1 
_pdbx_validate_rmsd_angle.auth_comp_id_1 
_pdbx_validate_rmsd_angle.auth_seq_id_1 
_pdbx_validate_rmsd_angle.PDB_ins_code_1 
_pdbx_validate_rmsd_angle.label_alt_id_1 
_pdbx_validate_rmsd_angle.auth_atom_id_2 
_pdbx_validate_rmsd_angle.auth_asym_id_2 
_pdbx_validate_rmsd_angle.auth_comp_id_2 
_pdbx_validate_rmsd_angle.auth_seq_id_2 
_pdbx_validate_rmsd_angle.PDB_ins_code_2 
_pdbx_validate_rmsd_angle.label_alt_id_2 
_pdbx_validate_rmsd_angle.auth_atom_id_3 
_pdbx_validate_rmsd_angle.auth_asym_id_3 
_pdbx_validate_rmsd_angle.auth_comp_id_3 
_pdbx_validate_rmsd_angle.auth_seq_id_3 
_pdbx_validate_rmsd_angle.PDB_ins_code_3 
_pdbx_validate_rmsd_angle.label_alt_id_3 
_pdbx_validate_rmsd_angle.angle_value 
_pdbx_validate_rmsd_angle.angle_target_value 
_pdbx_validate_rmsd_angle.angle_deviation 
_pdbx_validate_rmsd_angle.angle_standard_deviation 
_pdbx_validate_rmsd_angle.linker_flag 
1  1 "O4'" A DG 1  ? ? "C1'" A DG 1  ? ? N9 A DG 1  ? ? 111.48 108.30 3.18  0.30 N 
2  1 N7    A DG 1  ? ? C8    A DG 1  ? ? N9 A DG 1  ? ? 117.47 113.10 4.37  0.50 N 
3  1 C8    A DG 1  ? ? N9    A DG 1  ? ? C4 A DG 1  ? ? 103.94 106.40 -2.46 0.40 N 
4  1 "O4'" A DC 2  ? ? "C1'" A DC 2  ? ? N1 A DC 2  ? ? 110.78 108.30 2.48  0.30 N 
5  1 "O4'" A DG 3  ? ? "C1'" A DG 3  ? ? N9 A DG 3  ? ? 112.40 108.30 4.10  0.30 N 
6  1 N7    A DG 3  ? ? C8    A DG 3  ? ? N9 A DG 3  ? ? 117.50 113.10 4.40  0.50 N 
7  1 C8    A DG 3  ? ? N9    A DG 3  ? ? C4 A DG 3  ? ? 103.90 106.40 -2.50 0.40 N 
8  1 "O4'" A DG 5  ? ? "C1'" A DG 5  ? ? N9 A DG 5  ? ? 111.15 108.30 2.85  0.30 N 
9  1 N7    A DG 5  ? ? C8    A DG 5  ? ? N9 A DG 5  ? ? 117.62 113.10 4.52  0.50 N 
10 1 C8    A DG 5  ? ? N9    A DG 5  ? ? C4 A DG 5  ? ? 103.84 106.40 -2.56 0.40 N 
11 1 "O4'" A DC 6  ? ? "C1'" A DC 6  ? ? N1 A DC 6  ? ? 111.09 108.30 2.79  0.30 N 
12 1 "O4'" A DG 7  ? ? "C1'" A DG 7  ? ? N9 A DG 7  ? ? 111.71 108.30 3.41  0.30 N 
13 1 N7    A DG 7  ? ? C8    A DG 7  ? ? N9 A DG 7  ? ? 117.57 113.10 4.47  0.50 N 
14 1 C8    A DG 7  ? ? N9    A DG 7  ? ? C4 A DG 7  ? ? 103.87 106.40 -2.53 0.40 N 
15 1 "O4'" B DC 8  ? ? "C1'" B DC 8  ? ? N1 B DC 8  ? ? 111.11 108.30 2.81  0.30 N 
16 1 "O4'" B DG 9  ? ? "C1'" B DG 9  ? ? N9 B DG 9  ? ? 111.57 108.30 3.27  0.30 N 
17 1 N7    B DG 9  ? ? C8    B DG 9  ? ? N9 B DG 9  ? ? 117.64 113.10 4.54  0.50 N 
18 1 C8    B DG 9  ? ? N9    B DG 9  ? ? C4 B DG 9  ? ? 103.86 106.40 -2.54 0.40 N 
19 1 "O4'" B DC 10 ? ? "C1'" B DC 10 ? ? N1 B DC 10 ? ? 111.21 108.30 2.91  0.30 N 
20 1 "O4'" B DA 11 ? ? "C1'" B DA 11 ? ? N9 B DA 11 ? ? 111.33 108.30 3.03  0.30 N 
21 1 N7    B DA 11 ? ? C8    B DA 11 ? ? N9 B DA 11 ? ? 117.54 113.80 3.74  0.50 N 
22 1 "O4'" B DC 12 ? ? "C1'" B DC 12 ? ? N1 B DC 12 ? ? 110.75 108.30 2.45  0.30 N 
23 1 "O4'" B DG 13 ? ? "C1'" B DG 13 ? ? N9 B DG 13 ? ? 111.62 108.30 3.32  0.30 N 
24 1 N7    B DG 13 ? ? C8    B DG 13 ? ? N9 B DG 13 ? ? 117.67 113.10 4.57  0.50 N 
25 1 C8    B DG 13 ? ? N9    B DG 13 ? ? C4 B DG 13 ? ? 103.86 106.40 -2.54 0.40 N 
26 1 "O4'" B DC 14 ? ? "C1'" B DC 14 ? ? N1 B DC 14 ? ? 111.21 108.30 2.91  0.30 N 
# 
_pdbx_struct_mod_residue.id               1 
_pdbx_struct_mod_residue.label_asym_id    A 
_pdbx_struct_mod_residue.label_comp_id    XTR 
_pdbx_struct_mod_residue.label_seq_id     4 
_pdbx_struct_mod_residue.auth_asym_id     A 
_pdbx_struct_mod_residue.auth_comp_id     XTR 
_pdbx_struct_mod_residue.auth_seq_id      4 
_pdbx_struct_mod_residue.PDB_ins_code     ? 
_pdbx_struct_mod_residue.parent_comp_id   DT 
_pdbx_struct_mod_residue.details          ? 
# 
_pdbx_nmr_ensemble.entry_id                                      1U01 
_pdbx_nmr_ensemble.conformers_calculated_total_number            25 
_pdbx_nmr_ensemble.conformers_submitted_total_number             1 
_pdbx_nmr_ensemble.conformer_selection_criteria                  
'back calculated data agree with experimental NOESY spectrum,structures with the least restraint violations' 
_pdbx_nmr_ensemble.average_constraints_per_residue               ? 
_pdbx_nmr_ensemble.average_constraint_violations_per_residue     ? 
_pdbx_nmr_ensemble.maximum_distance_constraint_violation         ? 
_pdbx_nmr_ensemble.average_distance_constraint_violation         ? 
_pdbx_nmr_ensemble.maximum_upper_distance_constraint_violation   ? 
_pdbx_nmr_ensemble.maximum_lower_distance_constraint_violation   ? 
_pdbx_nmr_ensemble.distance_constraint_violation_method          ? 
_pdbx_nmr_ensemble.maximum_torsion_angle_constraint_violation    ? 
_pdbx_nmr_ensemble.average_torsion_angle_constraint_violation    ? 
_pdbx_nmr_ensemble.torsion_angle_constraint_violation_method     ? 
# 
_pdbx_nmr_representative.entry_id             1U01 
_pdbx_nmr_representative.conformer_id         1 
_pdbx_nmr_representative.selection_criteria   'minimized average structure' 
# 
loop_
_pdbx_nmr_sample_details.solution_id 
_pdbx_nmr_sample_details.contents 
_pdbx_nmr_sample_details.solvent_system 
1 '5-d(GCGT*GCG)-3/5-d(CGCACGC)-3  2.8mM; 100% D2'         '100% D2O'         
2 '5-d(GCGT*GCG)-3/5-d(CGCACGC)-3  2.8mM; 10% D20,90% H2O' '10% D20, 90% H2O' 
# 
loop_
_pdbx_nmr_exptl_sample_conditions.conditions_id 
_pdbx_nmr_exptl_sample_conditions.temperature 
_pdbx_nmr_exptl_sample_conditions.pressure 
_pdbx_nmr_exptl_sample_conditions.pH 
_pdbx_nmr_exptl_sample_conditions.ionic_strength 
_pdbx_nmr_exptl_sample_conditions.pressure_units 
_pdbx_nmr_exptl_sample_conditions.temperature_units 
1 293 ambient 7.2 0 ? K 
2 283 ambient 7.2 0 ? K 
# 
loop_
_pdbx_nmr_exptl.experiment_id 
_pdbx_nmr_exptl.solution_id 
_pdbx_nmr_exptl.conditions_id 
_pdbx_nmr_exptl.type 
1 1 1 '2D NOESY' 
2 1 1 '2D TOCSY' 
3 1 1 DQF-COSY   
4 1 1 P-COSY     
5 2 2 '2D NOESY' 
# 
_pdbx_nmr_refine.entry_id           1U01 
_pdbx_nmr_refine.method             'simulated annealing followed by a molecular dynamics' 
_pdbx_nmr_refine.details            ? 
_pdbx_nmr_refine.software_ordinal   1 
# 
loop_
_pdbx_nmr_software.name 
_pdbx_nmr_software.version 
_pdbx_nmr_software.classification 
_pdbx_nmr_software.authors 
_pdbx_nmr_software.ordinal 
Felix  97.0  collection a 1 
X-PLOR 3.8.5 refinement a 2 
# 
loop_
_chem_comp_atom.comp_id 
_chem_comp_atom.atom_id 
_chem_comp_atom.type_symbol 
_chem_comp_atom.pdbx_aromatic_flag 
_chem_comp_atom.pdbx_stereo_config 
_chem_comp_atom.pdbx_ordinal 
DA  OP3    O N N 1   
DA  P      P N N 2   
DA  OP1    O N N 3   
DA  OP2    O N N 4   
DA  "O5'"  O N N 5   
DA  "C5'"  C N N 6   
DA  "C4'"  C N R 7   
DA  "O4'"  O N N 8   
DA  "C3'"  C N S 9   
DA  "O3'"  O N N 10  
DA  "C2'"  C N N 11  
DA  "C1'"  C N R 12  
DA  N9     N Y N 13  
DA  C8     C Y N 14  
DA  N7     N Y N 15  
DA  C5     C Y N 16  
DA  C6     C Y N 17  
DA  N6     N N N 18  
DA  N1     N Y N 19  
DA  C2     C Y N 20  
DA  N3     N Y N 21  
DA  C4     C Y N 22  
DA  HOP3   H N N 23  
DA  HOP2   H N N 24  
DA  "H5'"  H N N 25  
DA  "H5''" H N N 26  
DA  "H4'"  H N N 27  
DA  "H3'"  H N N 28  
DA  "HO3'" H N N 29  
DA  "H2'"  H N N 30  
DA  "H2''" H N N 31  
DA  "H1'"  H N N 32  
DA  H8     H N N 33  
DA  H61    H N N 34  
DA  H62    H N N 35  
DA  H2     H N N 36  
DC  OP3    O N N 37  
DC  P      P N N 38  
DC  OP1    O N N 39  
DC  OP2    O N N 40  
DC  "O5'"  O N N 41  
DC  "C5'"  C N N 42  
DC  "C4'"  C N R 43  
DC  "O4'"  O N N 44  
DC  "C3'"  C N S 45  
DC  "O3'"  O N N 46  
DC  "C2'"  C N N 47  
DC  "C1'"  C N R 48  
DC  N1     N N N 49  
DC  C2     C N N 50  
DC  O2     O N N 51  
DC  N3     N N N 52  
DC  C4     C N N 53  
DC  N4     N N N 54  
DC  C5     C N N 55  
DC  C6     C N N 56  
DC  HOP3   H N N 57  
DC  HOP2   H N N 58  
DC  "H5'"  H N N 59  
DC  "H5''" H N N 60  
DC  "H4'"  H N N 61  
DC  "H3'"  H N N 62  
DC  "HO3'" H N N 63  
DC  "H2'"  H N N 64  
DC  "H2''" H N N 65  
DC  "H1'"  H N N 66  
DC  H41    H N N 67  
DC  H42    H N N 68  
DC  H5     H N N 69  
DC  H6     H N N 70  
DG  OP3    O N N 71  
DG  P      P N N 72  
DG  OP1    O N N 73  
DG  OP2    O N N 74  
DG  "O5'"  O N N 75  
DG  "C5'"  C N N 76  
DG  "C4'"  C N R 77  
DG  "O4'"  O N N 78  
DG  "C3'"  C N S 79  
DG  "O3'"  O N N 80  
DG  "C2'"  C N N 81  
DG  "C1'"  C N R 82  
DG  N9     N Y N 83  
DG  C8     C Y N 84  
DG  N7     N Y N 85  
DG  C5     C Y N 86  
DG  C6     C N N 87  
DG  O6     O N N 88  
DG  N1     N N N 89  
DG  C2     C N N 90  
DG  N2     N N N 91  
DG  N3     N N N 92  
DG  C4     C Y N 93  
DG  HOP3   H N N 94  
DG  HOP2   H N N 95  
DG  "H5'"  H N N 96  
DG  "H5''" H N N 97  
DG  "H4'"  H N N 98  
DG  "H3'"  H N N 99  
DG  "HO3'" H N N 100 
DG  "H2'"  H N N 101 
DG  "H2''" H N N 102 
DG  "H1'"  H N N 103 
DG  H8     H N N 104 
DG  H1     H N N 105 
DG  H21    H N N 106 
DG  H22    H N N 107 
XTR OP3    O N N 108 
XTR "C4'"  C N R 109 
XTR "C7'"  C N N 110 
XTR "C6'"  C N N 111 
XTR "C1'"  C N S 112 
XTR O4     O N N 113 
XTR C4     C N N 114 
XTR C5     C N N 115 
XTR C5M    C N N 116 
XTR C6     C N N 117 
XTR N3     N N N 118 
XTR C2     C N N 119 
XTR O2     O N N 120 
XTR N1     N N N 121 
XTR "C2'"  C N N 122 
XTR "C3'"  C N S 123 
XTR P      P N N 124 
XTR OP1    O N N 125 
XTR OP2    O N N 126 
XTR "O5'"  O N N 127 
XTR "C5'"  C N N 128 
XTR "O3'"  O N N 129 
XTR HOP3   H N N 130 
XTR "H4'"  H N N 131 
XTR "H7'"  H N N 132 
XTR "H6'"  H N N 133 
XTR "H1'"  H N N 134 
XTR H5M    H N N 135 
XTR H5MA   H N N 136 
XTR H5MB   H N N 137 
XTR H6     H N N 138 
XTR HN3    H N N 139 
XTR "H2'"  H N N 140 
XTR "H2'A" H N N 141 
XTR "H3'"  H N N 142 
XTR "H5'"  H N N 143 
XTR "H5'A" H N N 144 
XTR "HO3'" H N N 145 
XTR HOP2   H N N 146 
# 
loop_
_chem_comp_bond.comp_id 
_chem_comp_bond.atom_id_1 
_chem_comp_bond.atom_id_2 
_chem_comp_bond.value_order 
_chem_comp_bond.pdbx_aromatic_flag 
_chem_comp_bond.pdbx_stereo_config 
_chem_comp_bond.pdbx_ordinal 
DA  OP3   P      sing N N 1   
DA  OP3   HOP3   sing N N 2   
DA  P     OP1    doub N N 3   
DA  P     OP2    sing N N 4   
DA  P     "O5'"  sing N N 5   
DA  OP2   HOP2   sing N N 6   
DA  "O5'" "C5'"  sing N N 7   
DA  "C5'" "C4'"  sing N N 8   
DA  "C5'" "H5'"  sing N N 9   
DA  "C5'" "H5''" sing N N 10  
DA  "C4'" "O4'"  sing N N 11  
DA  "C4'" "C3'"  sing N N 12  
DA  "C4'" "H4'"  sing N N 13  
DA  "O4'" "C1'"  sing N N 14  
DA  "C3'" "O3'"  sing N N 15  
DA  "C3'" "C2'"  sing N N 16  
DA  "C3'" "H3'"  sing N N 17  
DA  "O3'" "HO3'" sing N N 18  
DA  "C2'" "C1'"  sing N N 19  
DA  "C2'" "H2'"  sing N N 20  
DA  "C2'" "H2''" sing N N 21  
DA  "C1'" N9     sing N N 22  
DA  "C1'" "H1'"  sing N N 23  
DA  N9    C8     sing Y N 24  
DA  N9    C4     sing Y N 25  
DA  C8    N7     doub Y N 26  
DA  C8    H8     sing N N 27  
DA  N7    C5     sing Y N 28  
DA  C5    C6     sing Y N 29  
DA  C5    C4     doub Y N 30  
DA  C6    N6     sing N N 31  
DA  C6    N1     doub Y N 32  
DA  N6    H61    sing N N 33  
DA  N6    H62    sing N N 34  
DA  N1    C2     sing Y N 35  
DA  C2    N3     doub Y N 36  
DA  C2    H2     sing N N 37  
DA  N3    C4     sing Y N 38  
DC  OP3   P      sing N N 39  
DC  OP3   HOP3   sing N N 40  
DC  P     OP1    doub N N 41  
DC  P     OP2    sing N N 42  
DC  P     "O5'"  sing N N 43  
DC  OP2   HOP2   sing N N 44  
DC  "O5'" "C5'"  sing N N 45  
DC  "C5'" "C4'"  sing N N 46  
DC  "C5'" "H5'"  sing N N 47  
DC  "C5'" "H5''" sing N N 48  
DC  "C4'" "O4'"  sing N N 49  
DC  "C4'" "C3'"  sing N N 50  
DC  "C4'" "H4'"  sing N N 51  
DC  "O4'" "C1'"  sing N N 52  
DC  "C3'" "O3'"  sing N N 53  
DC  "C3'" "C2'"  sing N N 54  
DC  "C3'" "H3'"  sing N N 55  
DC  "O3'" "HO3'" sing N N 56  
DC  "C2'" "C1'"  sing N N 57  
DC  "C2'" "H2'"  sing N N 58  
DC  "C2'" "H2''" sing N N 59  
DC  "C1'" N1     sing N N 60  
DC  "C1'" "H1'"  sing N N 61  
DC  N1    C2     sing N N 62  
DC  N1    C6     sing N N 63  
DC  C2    O2     doub N N 64  
DC  C2    N3     sing N N 65  
DC  N3    C4     doub N N 66  
DC  C4    N4     sing N N 67  
DC  C4    C5     sing N N 68  
DC  N4    H41    sing N N 69  
DC  N4    H42    sing N N 70  
DC  C5    C6     doub N N 71  
DC  C5    H5     sing N N 72  
DC  C6    H6     sing N N 73  
DG  OP3   P      sing N N 74  
DG  OP3   HOP3   sing N N 75  
DG  P     OP1    doub N N 76  
DG  P     OP2    sing N N 77  
DG  P     "O5'"  sing N N 78  
DG  OP2   HOP2   sing N N 79  
DG  "O5'" "C5'"  sing N N 80  
DG  "C5'" "C4'"  sing N N 81  
DG  "C5'" "H5'"  sing N N 82  
DG  "C5'" "H5''" sing N N 83  
DG  "C4'" "O4'"  sing N N 84  
DG  "C4'" "C3'"  sing N N 85  
DG  "C4'" "H4'"  sing N N 86  
DG  "O4'" "C1'"  sing N N 87  
DG  "C3'" "O3'"  sing N N 88  
DG  "C3'" "C2'"  sing N N 89  
DG  "C3'" "H3'"  sing N N 90  
DG  "O3'" "HO3'" sing N N 91  
DG  "C2'" "C1'"  sing N N 92  
DG  "C2'" "H2'"  sing N N 93  
DG  "C2'" "H2''" sing N N 94  
DG  "C1'" N9     sing N N 95  
DG  "C1'" "H1'"  sing N N 96  
DG  N9    C8     sing Y N 97  
DG  N9    C4     sing Y N 98  
DG  C8    N7     doub Y N 99  
DG  C8    H8     sing N N 100 
DG  N7    C5     sing Y N 101 
DG  C5    C6     sing N N 102 
DG  C5    C4     doub Y N 103 
DG  C6    O6     doub N N 104 
DG  C6    N1     sing N N 105 
DG  N1    C2     sing N N 106 
DG  N1    H1     sing N N 107 
DG  C2    N2     sing N N 108 
DG  C2    N3     doub N N 109 
DG  N2    H21    sing N N 110 
DG  N2    H22    sing N N 111 
DG  N3    C4     sing N N 112 
XTR OP3   HOP3   sing N N 113 
XTR "C4'" "C6'"  sing N N 114 
XTR "C4'" "H4'"  sing N N 115 
XTR "C7'" "C6'"  doub N N 116 
XTR "C7'" "H7'"  sing N N 117 
XTR "C6'" "H6'"  sing N N 118 
XTR "C1'" "C7'"  sing N N 119 
XTR "C1'" N1     sing N N 120 
XTR "C1'" "H1'"  sing N N 121 
XTR C4    O4     doub N N 122 
XTR C5    C4     sing N N 123 
XTR C5    C5M    sing N N 124 
XTR C5M   H5M    sing N N 125 
XTR C5M   H5MA   sing N N 126 
XTR C5M   H5MB   sing N N 127 
XTR C6    C5     doub N N 128 
XTR C6    H6     sing N N 129 
XTR N3    C4     sing N N 130 
XTR N3    HN3    sing N N 131 
XTR C2    N3     sing N N 132 
XTR O2    C2     doub N N 133 
XTR N1    C6     sing N N 134 
XTR N1    C2     sing N N 135 
XTR "C2'" "C1'"  sing N N 136 
XTR "C2'" "C3'"  sing N N 137 
XTR "C2'" "H2'"  sing N N 138 
XTR "C2'" "H2'A" sing N N 139 
XTR "C3'" "C4'"  sing N N 140 
XTR "C3'" "H3'"  sing N N 141 
XTR P     OP3    sing N N 142 
XTR P     OP1    doub N N 143 
XTR OP2   P      sing N N 144 
XTR "O5'" P      sing N N 145 
XTR "C5'" "C4'"  sing N N 146 
XTR "C5'" "O5'"  sing N N 147 
XTR "C5'" "H5'"  sing N N 148 
XTR "C5'" "H5'A" sing N N 149 
XTR "O3'" "C3'"  sing N N 150 
XTR "O3'" "HO3'" sing N N 151 
XTR OP2   HOP2   sing N N 152 
# 
_ndb_struct_conf_na.entry_id   1U01 
_ndb_struct_conf_na.feature    'double helix' 
# 
loop_
_ndb_struct_na_base_pair.model_number 
_ndb_struct_na_base_pair.i_label_asym_id 
_ndb_struct_na_base_pair.i_label_comp_id 
_ndb_struct_na_base_pair.i_label_seq_id 
_ndb_struct_na_base_pair.i_symmetry 
_ndb_struct_na_base_pair.j_label_asym_id 
_ndb_struct_na_base_pair.j_label_comp_id 
_ndb_struct_na_base_pair.j_label_seq_id 
_ndb_struct_na_base_pair.j_symmetry 
_ndb_struct_na_base_pair.shear 
_ndb_struct_na_base_pair.stretch 
_ndb_struct_na_base_pair.stagger 
_ndb_struct_na_base_pair.buckle 
_ndb_struct_na_base_pair.propeller 
_ndb_struct_na_base_pair.opening 
_ndb_struct_na_base_pair.pair_number 
_ndb_struct_na_base_pair.pair_name 
_ndb_struct_na_base_pair.i_auth_asym_id 
_ndb_struct_na_base_pair.i_auth_seq_id 
_ndb_struct_na_base_pair.i_PDB_ins_code 
_ndb_struct_na_base_pair.j_auth_asym_id 
_ndb_struct_na_base_pair.j_auth_seq_id 
_ndb_struct_na_base_pair.j_PDB_ins_code 
_ndb_struct_na_base_pair.hbond_type_28 
_ndb_struct_na_base_pair.hbond_type_12 
1 A DG  1 1_555 B DC 7 1_555 -0.693 -0.373 -0.105 -6.608 -0.186 -0.789 1 A_DG1:DC14_B  A 1 ? B 14 ? 19 1 
1 A DC  2 1_555 B DG 6 1_555 0.347  -0.307 -0.045 -0.053 -3.402 -1.728 2 A_DC2:DG13_B  A 2 ? B 13 ? 19 1 
1 A DG  3 1_555 B DC 5 1_555 -0.350 -0.297 -0.050 0.416  -0.558 -1.625 3 A_DG3:DC12_B  A 3 ? B 12 ? 19 1 
1 A XTR 4 1_555 B DA 4 1_555 -0.545 -0.080 0.123  -2.835 -1.639 -6.681 4 A_XTR4:DA11_B A 4 ? B 11 ? 20 1 
1 A DG  5 1_555 B DC 3 1_555 -0.575 -0.356 0.024  1.386  -2.589 -0.832 5 A_DG5:DC10_B  A 5 ? B 10 ? 19 1 
1 A DC  6 1_555 B DG 2 1_555 0.584  -0.355 -0.246 5.159  -3.754 -0.299 6 A_DC6:DG9_B   A 6 ? B 9  ? 19 1 
1 A DG  7 1_555 B DC 1 1_555 -0.224 -0.252 -0.037 8.777  0.112  -0.860 7 A_DG7:DC8_B   A 7 ? B 8  ? 19 1 
# 
loop_
_ndb_struct_na_base_pair_step.model_number 
_ndb_struct_na_base_pair_step.i_label_asym_id_1 
_ndb_struct_na_base_pair_step.i_label_comp_id_1 
_ndb_struct_na_base_pair_step.i_label_seq_id_1 
_ndb_struct_na_base_pair_step.i_symmetry_1 
_ndb_struct_na_base_pair_step.j_label_asym_id_1 
_ndb_struct_na_base_pair_step.j_label_comp_id_1 
_ndb_struct_na_base_pair_step.j_label_seq_id_1 
_ndb_struct_na_base_pair_step.j_symmetry_1 
_ndb_struct_na_base_pair_step.i_label_asym_id_2 
_ndb_struct_na_base_pair_step.i_label_comp_id_2 
_ndb_struct_na_base_pair_step.i_label_seq_id_2 
_ndb_struct_na_base_pair_step.i_symmetry_2 
_ndb_struct_na_base_pair_step.j_label_asym_id_2 
_ndb_struct_na_base_pair_step.j_label_comp_id_2 
_ndb_struct_na_base_pair_step.j_label_seq_id_2 
_ndb_struct_na_base_pair_step.j_symmetry_2 
_ndb_struct_na_base_pair_step.shift 
_ndb_struct_na_base_pair_step.slide 
_ndb_struct_na_base_pair_step.rise 
_ndb_struct_na_base_pair_step.tilt 
_ndb_struct_na_base_pair_step.roll 
_ndb_struct_na_base_pair_step.twist 
_ndb_struct_na_base_pair_step.x_displacement 
_ndb_struct_na_base_pair_step.y_displacement 
_ndb_struct_na_base_pair_step.helical_rise 
_ndb_struct_na_base_pair_step.inclination 
_ndb_struct_na_base_pair_step.tip 
_ndb_struct_na_base_pair_step.helical_twist 
_ndb_struct_na_base_pair_step.step_number 
_ndb_struct_na_base_pair_step.step_name 
_ndb_struct_na_base_pair_step.i_auth_asym_id_1 
_ndb_struct_na_base_pair_step.i_auth_seq_id_1 
_ndb_struct_na_base_pair_step.i_PDB_ins_code_1 
_ndb_struct_na_base_pair_step.j_auth_asym_id_1 
_ndb_struct_na_base_pair_step.j_auth_seq_id_1 
_ndb_struct_na_base_pair_step.j_PDB_ins_code_1 
_ndb_struct_na_base_pair_step.i_auth_asym_id_2 
_ndb_struct_na_base_pair_step.i_auth_seq_id_2 
_ndb_struct_na_base_pair_step.i_PDB_ins_code_2 
_ndb_struct_na_base_pair_step.j_auth_asym_id_2 
_ndb_struct_na_base_pair_step.j_auth_seq_id_2 
_ndb_struct_na_base_pair_step.j_PDB_ins_code_2 
1 A DG  1 1_555 B DC 7 1_555 A DC  2 1_555 B DG 6 1_555 -0.265 -0.196 3.085 0.263  -1.729 43.835 -0.107 0.379  3.089 -2.314 -0.352 
43.869 1 AA_DG1DC2:DG13DC14_BB  A 1 ? B 14 ? A 2 ? B 13 ? 
1 A DC  2 1_555 B DG 6 1_555 A DG  3 1_555 B DC 5 1_555 0.228  -0.793 3.091 -0.835 5.055  30.073 -2.438 -0.588 2.914 9.654  1.595  
30.497 2 AA_DC2DG3:DC12DG13_BB  A 2 ? B 13 ? A 3 ? B 12 ? 
1 A DG  3 1_555 B DC 5 1_555 A XTR 4 1_555 B DA 4 1_555 -0.512 -0.474 3.660 0.476  -6.390 38.030 0.175  0.842  3.682 -9.721 -0.724 
38.546 3 AA_DG3XTR4:DA11DC12_BB A 3 ? B 12 ? A 4 ? B 11 ? 
1 A XTR 4 1_555 B DA 4 1_555 A DG  5 1_555 B DC 3 1_555 0.182  -0.229 3.001 -2.795 -0.489 38.910 -0.289 -0.581 2.984 -0.732 4.188  
39.009 4 AA_XTR4DG5:DC10DA11_BB A 4 ? B 11 ? A 5 ? B 10 ? 
1 A DG  5 1_555 B DC 3 1_555 A DC  6 1_555 B DG 2 1_555 0.007  0.022  3.190 1.334  0.062  42.770 0.024  0.120  3.189 0.085  -1.828 
42.790 5 AA_DG5DC6:DG9DC10_BB   A 5 ? B 10 ? A 6 ? B 9  ? 
1 A DC  6 1_555 B DG 2 1_555 A DG  7 1_555 B DC 1 1_555 0.084  -0.756 3.082 -1.435 5.826  31.828 -2.303 -0.384 2.895 10.507 2.587  
32.374 6 AA_DC6DG7:DC8DG9_BB    A 6 ? B 9  ? A 7 ? B 8  ? 
# 
_pdbx_nmr_spectrometer.spectrometer_id   1 
_pdbx_nmr_spectrometer.type              ? 
_pdbx_nmr_spectrometer.manufacturer      Varian 
_pdbx_nmr_spectrometer.model             UNITY 
_pdbx_nmr_spectrometer.field_strength    500 
# 
_atom_sites.entry_id                    1U01 
_atom_sites.fract_transf_matrix[1][1]   1.000000 
_atom_sites.fract_transf_matrix[1][2]   0.000000 
_atom_sites.fract_transf_matrix[1][3]   0.000000 
_atom_sites.fract_transf_matrix[2][1]   0.000000 
_atom_sites.fract_transf_matrix[2][2]   1.000000 
_atom_sites.fract_transf_matrix[2][3]   0.000000 
_atom_sites.fract_transf_matrix[3][1]   0.000000 
_atom_sites.fract_transf_matrix[3][2]   0.000000 
_atom_sites.fract_transf_matrix[3][3]   1.000000 
_atom_sites.fract_transf_vector[1]      0.00000 
_atom_sites.fract_transf_vector[2]      0.00000 
_atom_sites.fract_transf_vector[3]      0.00000 
# 
loop_
_atom_type.symbol 
C 
H 
N 
O 
P 
# 
loop_
_atom_site.group_PDB 
_atom_site.id 
_atom_site.type_symbol 
_atom_site.label_atom_id 
_atom_site.label_alt_id 
_atom_site.label_comp_id 
_atom_site.label_asym_id 
_atom_site.label_entity_id 
_atom_site.label_seq_id 
_atom_site.pdbx_PDB_ins_code 
_atom_site.Cartn_x 
_atom_site.Cartn_y 
_atom_site.Cartn_z 
_atom_site.occupancy 
_atom_site.B_iso_or_equiv 
_atom_site.pdbx_formal_charge 
_atom_site.auth_seq_id 
_atom_site.auth_comp_id 
_atom_site.auth_asym_id 
_atom_site.auth_atom_id 
_atom_site.pdbx_PDB_model_num 
ATOM   1   O "O5'"  . DG  A 1 1 ? -13.863 2.912  6.118   1.00 1.32 ? 1  DG  A "O5'"  1 
ATOM   2   C "C5'"  . DG  A 1 1 ? -13.607 3.245  4.746   1.00 1.19 ? 1  DG  A "C5'"  1 
ATOM   3   C "C4'"  . DG  A 1 1 ? -13.500 1.932  3.984   1.00 1.02 ? 1  DG  A "C4'"  1 
ATOM   4   O "O4'"  . DG  A 1 1 ? -13.233 2.266  2.623   1.00 0.94 ? 1  DG  A "O4'"  1 
ATOM   5   C "C3'"  . DG  A 1 1 ? -12.312 1.173  4.552   1.00 0.94 ? 1  DG  A "C3'"  1 
ATOM   6   O "O3'"  . DG  A 1 1 ? -12.580 -0.230 4.700   1.00 0.90 ? 1  DG  A "O3'"  1 
ATOM   7   C "C2'"  . DG  A 1 1 ? -11.265 1.314  3.463   1.00 0.82 ? 1  DG  A "C2'"  1 
ATOM   8   C "C1'"  . DG  A 1 1 ? -12.053 1.580  2.184   1.00 0.78 ? 1  DG  A "C1'"  1 
ATOM   9   N N9     . DG  A 1 1 ? -11.274 2.398  1.238   1.00 0.72 ? 1  DG  A N9     1 
ATOM   10  C C8     . DG  A 1 1 ? -10.902 3.698  1.322   1.00 0.78 ? 1  DG  A C8     1 
ATOM   11  N N7     . DG  A 1 1 ? -10.217 4.186  0.341   1.00 0.74 ? 1  DG  A N7     1 
ATOM   12  C C5     . DG  A 1 1 ? -10.114 3.081  -0.512  1.00 0.64 ? 1  DG  A C5     1 
ATOM   13  C C6     . DG  A 1 1 ? -9.475  2.957  -1.775  1.00 0.60 ? 1  DG  A C6     1 
ATOM   14  O O6     . DG  A 1 1 ? -8.860  3.812  -2.409  1.00 0.63 ? 1  DG  A O6     1 
ATOM   15  N N1     . DG  A 1 1 ? -9.610  1.677  -2.289  1.00 0.55 ? 1  DG  A N1     1 
ATOM   16  C C2     . DG  A 1 1 ? -10.277 0.638  -1.672  1.00 0.54 ? 1  DG  A C2     1 
ATOM   17  N N2     . DG  A 1 1 ? -10.311 -0.515 -2.327  1.00 0.55 ? 1  DG  A N2     1 
ATOM   18  N N3     . DG  A 1 1 ? -10.877 0.744  -0.488  1.00 0.58 ? 1  DG  A N3     1 
ATOM   19  C C4     . DG  A 1 1 ? -10.760 1.984  0.035   1.00 0.63 ? 1  DG  A C4     1 
ATOM   20  H "H5'"  . DG  A 1 1 ? -12.662 3.761  4.644   1.00 1.18 ? 1  DG  A "H5'"  1 
ATOM   21  H "H5''" . DG  A 1 1 ? -14.434 3.863  4.362   1.00 1.29 ? 1  DG  A "H5''" 1 
ATOM   22  H "H4'"  . DG  A 1 1 ? -14.416 1.347  4.071   1.00 1.09 ? 1  DG  A "H4'"  1 
ATOM   23  H "H3'"  . DG  A 1 1 ? -11.967 1.616  5.488   1.00 1.04 ? 1  DG  A "H3'"  1 
ATOM   24  H "H2'"  . DG  A 1 1 ? -10.617 2.172  3.684   1.00 0.88 ? 1  DG  A "H2'"  1 
ATOM   25  H "H2''" . DG  A 1 1 ? -10.695 0.384  3.362   1.00 0.79 ? 1  DG  A "H2''" 1 
ATOM   26  H "H1'"  . DG  A 1 1 ? -12.329 0.633  1.718   1.00 0.74 ? 1  DG  A "H1'"  1 
ATOM   27  H H8     . DG  A 1 1 ? -11.172 4.310  2.181   1.00 0.87 ? 1  DG  A H8     1 
ATOM   28  H H1     . DG  A 1 1 ? -9.174  1.513  -3.186  1.00 0.56 ? 1  DG  A H1     1 
ATOM   29  H H21    . DG  A 1 1 ? -9.855  -0.603 -3.225  1.00 0.57 ? 1  DG  A H21    1 
ATOM   30  H H22    . DG  A 1 1 ? -10.792 -1.309 -1.925  1.00 0.59 ? 1  DG  A H22    1 
ATOM   31  H "HO5'" . DG  A 1 1 ? -13.706 1.967  6.218   1.00 1.59 ? 1  DG  A "HO5'" 1 
ATOM   32  P P      . DC  A 1 2 ? -11.437 -1.252 5.208   1.00 0.90 ? 2  DC  A P      1 
ATOM   33  O OP1    . DC  A 1 2 ? -12.078 -2.271 6.068   1.00 1.04 ? 2  DC  A OP1    1 
ATOM   34  O OP2    . DC  A 1 2 ? -10.299 -0.459 5.727   1.00 1.00 ? 2  DC  A OP2    1 
ATOM   35  O "O5'"  . DC  A 1 2 ? -10.975 -1.967 3.840   1.00 0.74 ? 2  DC  A "O5'"  1 
ATOM   36  C "C5'"  . DC  A 1 2 ? -11.839 -2.909 3.190   1.00 0.69 ? 2  DC  A "C5'"  1 
ATOM   37  C "C4'"  . DC  A 1 2 ? -11.126 -3.655 2.062   1.00 0.61 ? 2  DC  A "C4'"  1 
ATOM   38  O "O4'"  . DC  A 1 2 ? -10.662 -2.672 1.142   1.00 0.57 ? 2  DC  A "O4'"  1 
ATOM   39  C "C3'"  . DC  A 1 2 ? -9.940  -4.369 2.676   1.00 0.65 ? 2  DC  A "C3'"  1 
ATOM   40  O "O3'"  . DC  A 1 2 ? -9.740  -5.674 2.113   1.00 0.66 ? 2  DC  A "O3'"  1 
ATOM   41  C "C2'"  . DC  A 1 2 ? -8.758  -3.517 2.251   1.00 0.64 ? 2  DC  A "C2'"  1 
ATOM   42  C "C1'"  . DC  A 1 2 ? -9.232  -2.747 1.016   1.00 0.54 ? 2  DC  A "C1'"  1 
ATOM   43  N N1     . DC  A 1 2 ? -8.638  -1.395 0.968   1.00 0.52 ? 2  DC  A N1     1 
ATOM   44  C C2     . DC  A 1 2 ? -7.974  -1.022 -0.192  1.00 0.48 ? 2  DC  A C2     1 
ATOM   45  O O2     . DC  A 1 2 ? -7.874  -1.808 -1.129  1.00 0.48 ? 2  DC  A O2     1 
ATOM   46  N N3     . DC  A 1 2 ? -7.446  0.229  -0.258  1.00 0.48 ? 2  DC  A N3     1 
ATOM   47  C C4     . DC  A 1 2 ? -7.562  1.079  0.767   1.00 0.54 ? 2  DC  A C4     1 
ATOM   48  N N4     . DC  A 1 2 ? -7.041  2.298  0.659   1.00 0.58 ? 2  DC  A N4     1 
ATOM   49  C C5     . DC  A 1 2 ? -8.240  0.701  1.965   1.00 0.61 ? 2  DC  A C5     1 
ATOM   50  C C6     . DC  A 1 2 ? -8.760  -0.539 2.023   1.00 0.59 ? 2  DC  A C6     1 
ATOM   51  H "H5'"  . DC  A 1 2 ? -12.694 -2.376 2.775   1.00 0.71 ? 2  DC  A "H5'"  1 
ATOM   52  H "H5''" . DC  A 1 2 ? -12.194 -3.631 3.925   1.00 0.77 ? 2  DC  A "H5''" 1 
ATOM   53  H "H4'"  . DC  A 1 2 ? -11.798 -4.361 1.573   1.00 0.63 ? 2  DC  A "H4'"  1 
ATOM   54  H "H3'"  . DC  A 1 2 ? -10.020 -4.412 3.765   1.00 0.72 ? 2  DC  A "H3'"  1 
ATOM   55  H "H2'"  . DC  A 1 2 ? -8.509  -2.812 3.053   1.00 0.70 ? 2  DC  A "H2'"  1 
ATOM   56  H "H2''" . DC  A 1 2 ? -7.907  -4.155 1.987   1.00 0.68 ? 2  DC  A "H2''" 1 
ATOM   57  H "H1'"  . DC  A 1 2 ? -8.970  -3.302 0.114   1.00 0.54 ? 2  DC  A "H1'"  1 
ATOM   58  H H41    . DC  A 1 2 ? -6.559  2.568  -0.191  1.00 0.55 ? 2  DC  A H41    1 
ATOM   59  H H42    . DC  A 1 2 ? -7.126  2.954  1.421   1.00 0.66 ? 2  DC  A H42    1 
ATOM   60  H H5     . DC  A 1 2 ? -8.333  1.392  2.802   1.00 0.69 ? 2  DC  A H5     1 
ATOM   61  H H6     . DC  A 1 2 ? -9.280  -0.864 2.923   1.00 0.66 ? 2  DC  A H6     1 
ATOM   62  P P      . DG  A 1 3 ? -8.491  -6.593 2.556   1.00 0.75 ? 3  DG  A P      1 
ATOM   63  O OP1    . DG  A 1 3 ? -8.901  -8.009 2.446   1.00 0.89 ? 3  DG  A OP1    1 
ATOM   64  O OP2    . DG  A 1 3 ? -7.963  -6.076 3.841   1.00 0.87 ? 3  DG  A OP2    1 
ATOM   65  O "O5'"  . DG  A 1 3 ? -7.406  -6.287 1.404   1.00 0.62 ? 3  DG  A "O5'"  1 
ATOM   66  C "C5'"  . DG  A 1 3 ? -7.575  -6.820 0.079   1.00 0.56 ? 3  DG  A "C5'"  1 
ATOM   67  C "C4'"  . DG  A 1 3 ? -6.441  -6.437 -0.863  1.00 0.45 ? 3  DG  A "C4'"  1 
ATOM   68  O "O4'"  . DG  A 1 3 ? -6.412  -5.010 -0.936  1.00 0.43 ? 3  DG  A "O4'"  1 
ATOM   69  C "C3'"  . DG  A 1 3 ? -5.144  -6.921 -0.235  1.00 0.46 ? 3  DG  A "C3'"  1 
ATOM   70  O "O3'"  . DG  A 1 3 ? -4.258  -7.523 -1.193  1.00 0.48 ? 3  DG  A "O3'"  1 
ATOM   71  C "C2'"  . DG  A 1 3 ? -4.489  -5.629 0.206   1.00 0.47 ? 3  DG  A "C2'"  1 
ATOM   72  C "C1'"  . DG  A 1 3 ? -5.062  -4.579 -0.731  1.00 0.43 ? 3  DG  A "C1'"  1 
ATOM   73  N N9     . DG  A 1 3 ? -4.986  -3.232 -0.141  1.00 0.44 ? 3  DG  A N9     1 
ATOM   74  C C8     . DG  A 1 3 ? -5.474  -2.768 1.034   1.00 0.49 ? 3  DG  A C8     1 
ATOM   75  N N7     . DG  A 1 3 ? -5.251  -1.530 1.325   1.00 0.50 ? 3  DG  A N7     1 
ATOM   76  C C5     . DG  A 1 3 ? -4.520  -1.104 0.208   1.00 0.44 ? 3  DG  A C5     1 
ATOM   77  C C6     . DG  A 1 3 ? -3.966  0.169  -0.093  1.00 0.43 ? 3  DG  A C6     1 
ATOM   78  O O6     . DG  A 1 3 ? -4.008  1.197  0.577   1.00 0.48 ? 3  DG  A O6     1 
ATOM   79  N N1     . DG  A 1 3 ? -3.308  0.162  -1.316  1.00 0.40 ? 3  DG  A N1     1 
ATOM   80  C C2     . DG  A 1 3 ? -3.195  -0.930 -2.149  1.00 0.41 ? 3  DG  A C2     1 
ATOM   81  N N2     . DG  A 1 3 ? -2.521  -0.751 -3.279  1.00 0.44 ? 3  DG  A N2     1 
ATOM   82  N N3     . DG  A 1 3 ? -3.712  -2.124 -1.874  1.00 0.41 ? 3  DG  A N3     1 
ATOM   83  C C4     . DG  A 1 3 ? -4.358  -2.143 -0.690  1.00 0.42 ? 3  DG  A C4     1 
ATOM   84  H "H5'"  . DG  A 1 3 ? -8.487  -6.428 -0.353  1.00 0.61 ? 3  DG  A "H5'"  1 
ATOM   85  H "H5''" . DG  A 1 3 ? -7.645  -7.917 0.153   1.00 0.63 ? 3  DG  A "H5''" 1 
ATOM   86  H "H4'"  . DG  A 1 3 ? -6.585  -6.874 -1.852  1.00 0.47 ? 3  DG  A "H4'"  1 
ATOM   87  H "H3'"  . DG  A 1 3 ? -5.331  -7.580 0.616   1.00 0.51 ? 3  DG  A "H3'"  1 
ATOM   88  H "H2'"  . DG  A 1 3 ? -4.776  -5.404 1.242   1.00 0.52 ? 3  DG  A "H2'"  1 
ATOM   89  H "H2''" . DG  A 1 3 ? -3.402  -5.691 0.083   1.00 0.51 ? 3  DG  A "H2''" 1 
ATOM   90  H "H1'"  . DG  A 1 3 ? -4.519  -4.602 -1.679  1.00 0.46 ? 3  DG  A "H1'"  1 
ATOM   91  H H8     . DG  A 1 3 ? -6.021  -3.420 1.714   1.00 0.53 ? 3  DG  A H8     1 
ATOM   92  H H1     . DG  A 1 3 ? -2.886  1.037  -1.596  1.00 0.41 ? 3  DG  A H1     1 
ATOM   93  H H21    . DG  A 1 3 ? -2.126  0.154  -3.496  1.00 0.46 ? 3  DG  A H21    1 
ATOM   94  H H22    . DG  A 1 3 ? -2.405  -1.522 -3.923  1.00 0.49 ? 3  DG  A H22    1 
HETATM 95  C "C4'"  . XTR A 1 4 ? -1.175  -7.176 -4.338  1.00 0.65 ? 4  XTR A "C4'"  1 
HETATM 96  C "C7'"  . XTR A 1 4 ? -1.448  -4.722 -3.883  1.00 0.67 ? 4  XTR A "C7'"  1 
HETATM 97  C "C6'"  . XTR A 1 4 ? -1.908  -5.834 -4.433  1.00 0.71 ? 4  XTR A "C6'"  1 
HETATM 98  C "C1'"  . XTR A 1 4 ? -0.135  -4.659 -3.092  1.00 0.57 ? 4  XTR A "C1'"  1 
HETATM 99  O O4     . XTR A 1 4 ? -0.866  -1.661 1.476   1.00 0.57 ? 4  XTR A O4     1 
HETATM 100 C C4     . XTR A 1 4 ? -0.735  -2.369 0.486   1.00 0.55 ? 4  XTR A C4     1 
HETATM 101 C C5     . XTR A 1 4 ? -1.165  -3.740 0.379   1.00 0.59 ? 4  XTR A C5     1 
HETATM 102 C C5M    . XTR A 1 4 ? -1.843  -4.402 1.576   1.00 0.70 ? 4  XTR A C5M    1 
HETATM 103 C C6     . XTR A 1 4 ? -0.972  -4.443 -0.755  1.00 0.58 ? 4  XTR A C6     1 
HETATM 104 N N3     . XTR A 1 4 ? -0.129  -1.879 -0.652  1.00 0.53 ? 4  XTR A N3     1 
HETATM 105 C C2     . XTR A 1 4 ? 0.089   -2.573 -1.824  1.00 0.54 ? 4  XTR A C2     1 
HETATM 106 O O2     . XTR A 1 4 ? 0.647   -2.050 -2.785  1.00 0.57 ? 4  XTR A O2     1 
HETATM 107 N N1     . XTR A 1 4 ? -0.353  -3.883 -1.846  1.00 0.55 ? 4  XTR A N1     1 
HETATM 108 C "C2'"  . XTR A 1 4 ? 0.389   -6.057 -2.767  1.00 0.54 ? 4  XTR A "C2'"  1 
HETATM 109 C "C3'"  . XTR A 1 4 ? 0.290   -6.985 -3.962  1.00 0.58 ? 4  XTR A "C3'"  1 
HETATM 110 P P      . XTR A 1 4 ? -2.762  -7.988 -0.789  1.00 0.57 ? 4  XTR A P      1 
HETATM 111 O OP1    . XTR A 1 4 ? -2.705  -9.465 -0.863  1.00 0.69 ? 4  XTR A OP1    1 
HETATM 112 O OP2    . XTR A 1 4 ? -2.369  -7.299 0.463   1.00 0.64 ? 4  XTR A OP2    1 
HETATM 113 O "O5'"  . XTR A 1 4 ? -1.870  -7.388 -1.989  1.00 0.67 ? 4  XTR A "O5'"  1 
HETATM 114 C "C5'"  . XTR A 1 4 ? -1.785  -8.062 -3.251  1.00 0.68 ? 4  XTR A "C5'"  1 
HETATM 115 O "O3'"  . XTR A 1 4 ? 1.023   -6.455 -5.074  1.00 0.62 ? 4  XTR A "O3'"  1 
HETATM 116 H "H4'"  . XTR A 1 4 ? -1.236  -7.683 -5.302  1.00 0.70 ? 4  XTR A "H4'"  1 
HETATM 117 H "H7'"  . XTR A 1 4 ? -1.994  -3.786 -3.975  1.00 0.74 ? 4  XTR A "H7'"  1 
HETATM 118 H "H6'"  . XTR A 1 4 ? -2.840  -5.836 -4.989  1.00 0.81 ? 4  XTR A "H6'"  1 
HETATM 119 H "H1'"  . XTR A 1 4 ? 0.601   -4.137 -3.704  1.00 0.59 ? 4  XTR A "H1'"  1 
HETATM 120 H H5M    . XTR A 1 4 ? -2.922  -4.351 1.455   1.00 1.13 ? 4  XTR A H5M    1 
HETATM 121 H H5MA   . XTR A 1 4 ? -1.560  -3.883 2.488   1.00 1.06 ? 4  XTR A H5MA   1 
HETATM 122 H H5MB   . XTR A 1 4 ? -1.531  -5.446 1.640   1.00 1.31 ? 4  XTR A H5MB   1 
HETATM 123 H H6     . XTR A 1 4 ? -1.327  -5.472 -0.808  1.00 0.63 ? 4  XTR A H6     1 
HETATM 124 H HN3    . XTR A 1 4 ? 0.179   -0.920 -0.626  1.00 0.54 ? 4  XTR A HN3    1 
HETATM 125 H "H2'"  . XTR A 1 4 ? -0.208  -6.478 -1.954  1.00 0.56 ? 4  XTR A "H2'"  1 
HETATM 126 H "H2'A" . XTR A 1 4 ? 1.439   -5.981 -2.463  1.00 0.53 ? 4  XTR A "H2'A" 1 
HETATM 127 H "H3'"  . XTR A 1 4 ? 0.711   -7.955 -3.690  1.00 0.57 ? 4  XTR A "H3'"  1 
HETATM 128 H "H5'"  . XTR A 1 4 ? -2.788  -8.355 -3.562  1.00 0.77 ? 4  XTR A "H5'"  1 
HETATM 129 H "H5'A" . XTR A 1 4 ? -1.174  -8.958 -3.137  1.00 0.67 ? 4  XTR A "H5'A" 1 
ATOM   130 P P      . DG  A 1 5 ? 2.593   -6.760 -5.252  1.00 0.65 ? 5  DG  A P      1 
ATOM   131 O OP1    . DG  A 1 5 ? 2.799   -7.347 -6.595  1.00 0.82 ? 5  DG  A OP1    1 
ATOM   132 O OP2    . DG  A 1 5 ? 3.074   -7.479 -4.050  1.00 0.71 ? 5  DG  A OP2    1 
ATOM   133 O "O5'"  . DG  A 1 5 ? 3.232   -5.283 -5.241  1.00 0.63 ? 5  DG  A "O5'"  1 
ATOM   134 C "C5'"  . DG  A 1 5 ? 3.029   -4.386 -6.345  1.00 0.66 ? 5  DG  A "C5'"  1 
ATOM   135 C "C4'"  . DG  A 1 5 ? 3.771   -3.070 -6.162  1.00 0.61 ? 5  DG  A "C4'"  1 
ATOM   136 O "O4'"  . DG  A 1 5 ? 3.209   -2.433 -5.017  1.00 0.61 ? 5  DG  A "O4'"  1 
ATOM   137 C "C3'"  . DG  A 1 5 ? 5.216   -3.419 -5.879  1.00 0.55 ? 5  DG  A "C3'"  1 
ATOM   138 O "O3'"  . DG  A 1 5 ? 6.132   -2.491 -6.476  1.00 0.63 ? 5  DG  A "O3'"  1 
ATOM   139 C "C2'"  . DG  A 1 5 ? 5.320   -3.234 -4.379  1.00 0.46 ? 5  DG  A "C2'"  1 
ATOM   140 C "C1'"  . DG  A 1 5 ? 4.232   -2.222 -4.031  1.00 0.47 ? 5  DG  A "C1'"  1 
ATOM   141 N N9     . DG  A 1 5 ? 3.713   -2.439 -2.671  1.00 0.40 ? 5  DG  A N9     1 
ATOM   142 C C8     . DG  A 1 5 ? 3.150   -3.544 -2.126  1.00 0.39 ? 5  DG  A C8     1 
ATOM   143 N N7     . DG  A 1 5 ? 2.733   -3.464 -0.906  1.00 0.39 ? 5  DG  A N7     1 
ATOM   144 C C5     . DG  A 1 5 ? 3.055   -2.141 -0.585  1.00 0.36 ? 5  DG  A C5     1 
ATOM   145 C C6     . DG  A 1 5 ? 2.854   -1.422 0.621   1.00 0.36 ? 5  DG  A C6     1 
ATOM   146 O O6     . DG  A 1 5 ? 2.339   -1.810 1.664   1.00 0.41 ? 5  DG  A O6     1 
ATOM   147 N N1     . DG  A 1 5 ? 3.326   -0.123 0.524   1.00 0.37 ? 5  DG  A N1     1 
ATOM   148 C C2     . DG  A 1 5 ? 3.918   0.425  -0.596  1.00 0.40 ? 5  DG  A C2     1 
ATOM   149 N N2     . DG  A 1 5 ? 4.324   1.684  -0.494  1.00 0.47 ? 5  DG  A N2     1 
ATOM   150 N N3     . DG  A 1 5 ? 4.108   -0.239 -1.733  1.00 0.41 ? 5  DG  A N3     1 
ATOM   151 C C4     . DG  A 1 5 ? 3.657   -1.510 -1.662  1.00 0.37 ? 5  DG  A C4     1 
ATOM   152 H "H5'"  . DG  A 1 5 ? 1.978   -4.144 -6.428  1.00 0.76 ? 5  DG  A "H5'"  1 
ATOM   153 H "H5''" . DG  A 1 5 ? 3.368   -4.883 -7.265  1.00 0.70 ? 5  DG  A "H5''" 1 
ATOM   154 H "H4'"  . DG  A 1 5 ? 3.681   -2.437 -7.046  1.00 0.70 ? 5  DG  A "H4'"  1 
ATOM   155 H "H3'"  . DG  A 1 5 ? 5.442   -4.448 -6.166  1.00 0.58 ? 5  DG  A "H3'"  1 
ATOM   156 H "H2'"  . DG  A 1 5 ? 5.117   -4.187 -3.875  1.00 0.48 ? 5  DG  A "H2'"  1 
ATOM   157 H "H2''" . DG  A 1 5 ? 6.303   -2.830 -4.115  1.00 0.51 ? 5  DG  A "H2''" 1 
ATOM   158 H "H1'"  . DG  A 1 5 ? 4.628   -1.210 -4.122  1.00 0.54 ? 5  DG  A "H1'"  1 
ATOM   159 H H8     . DG  A 1 5 ? 3.064   -4.471 -2.692  1.00 0.43 ? 5  DG  A H8     1 
ATOM   160 H H1     . DG  A 1 5 ? 3.215   0.452  1.348   1.00 0.39 ? 5  DG  A H1     1 
ATOM   161 H H21    . DG  A 1 5 ? 4.181   2.194  0.368   1.00 0.48 ? 5  DG  A H21    1 
ATOM   162 H H22    . DG  A 1 5 ? 4.780   2.131  -1.276  1.00 0.53 ? 5  DG  A H22    1 
ATOM   163 P P      . DC  A 1 6 ? 7.723   -2.636 -6.259  1.00 0.68 ? 6  DC  A P      1 
ATOM   164 O OP1    . DC  A 1 6 ? 8.392   -2.314 -7.539  1.00 0.88 ? 6  DC  A OP1    1 
ATOM   165 O OP2    . DC  A 1 6 ? 7.992   -3.933 -5.595  1.00 0.69 ? 6  DC  A OP2    1 
ATOM   166 O "O5'"  . DC  A 1 6 ? 8.047   -1.457 -5.208  1.00 0.62 ? 6  DC  A "O5'"  1 
ATOM   167 C "C5'"  . DC  A 1 6 ? 7.985   -0.084 -5.619  1.00 0.69 ? 6  DC  A "C5'"  1 
ATOM   168 C "C4'"  . DC  A 1 6 ? 8.364   0.873  -4.488  1.00 0.62 ? 6  DC  A "C4'"  1 
ATOM   169 O "O4'"  . DC  A 1 6 ? 7.475   0.606  -3.408  1.00 0.55 ? 6  DC  A "O4'"  1 
ATOM   170 C "C3'"  . DC  A 1 6 ? 9.783   0.540  -4.068  1.00 0.63 ? 6  DC  A "C3'"  1 
ATOM   171 O "O3'"  . DC  A 1 6 ? 10.546  1.717  -3.765  1.00 0.68 ? 6  DC  A "O3'"  1 
ATOM   172 C "C2'"  . DC  A 1 6 ? 9.589   -0.209 -2.763  1.00 0.56 ? 6  DC  A "C2'"  1 
ATOM   173 C "C1'"  . DC  A 1 6 ? 8.226   0.246  -2.237  1.00 0.49 ? 6  DC  A "C1'"  1 
ATOM   174 N N1     . DC  A 1 6 ? 7.553   -0.833 -1.484  1.00 0.43 ? 6  DC  A N1     1 
ATOM   175 C C2     . DC  A 1 6 ? 7.078   -0.532 -0.218  1.00 0.40 ? 6  DC  A C2     1 
ATOM   176 O O2     . DC  A 1 6 ? 7.222   0.596  0.242   1.00 0.45 ? 6  DC  A O2     1 
ATOM   177 N N3     . DC  A 1 6 ? 6.448   -1.510 0.485   1.00 0.38 ? 6  DC  A N3     1 
ATOM   178 C C4     . DC  A 1 6 ? 6.289   -2.732 -0.029  1.00 0.38 ? 6  DC  A C4     1 
ATOM   179 N N4     . DC  A 1 6 ? 5.664   -3.660 0.689   1.00 0.41 ? 6  DC  A N4     1 
ATOM   180 C C5     . DC  A 1 6 ? 6.777   -3.052 -1.333  1.00 0.42 ? 6  DC  A C5     1 
ATOM   181 C C6     . DC  A 1 6 ? 7.400   -2.078 -2.023  1.00 0.44 ? 6  DC  A C6     1 
ATOM   182 H "H5'"  . DC  A 1 6 ? 6.969   0.141  -5.945  1.00 0.73 ? 6  DC  A "H5'"  1 
ATOM   183 H "H5''" . DC  A 1 6 ? 8.666   0.066  -6.456  1.00 0.81 ? 6  DC  A "H5''" 1 
ATOM   184 H "H4'"  . DC  A 1 6 ? 8.285   1.911  -4.811  1.00 0.67 ? 6  DC  A "H4'"  1 
ATOM   185 H "H3'"  . DC  A 1 6 ? 10.283  -0.084 -4.811  1.00 0.70 ? 6  DC  A "H3'"  1 
ATOM   186 H "H2'"  . DC  A 1 6 ? 9.570   -1.288 -2.961  1.00 0.57 ? 6  DC  A "H2'"  1 
ATOM   187 H "H2''" . DC  A 1 6 ? 10.373  0.064  -2.048  1.00 0.59 ? 6  DC  A "H2''" 1 
ATOM   188 H "H1'"  . DC  A 1 6 ? 8.355   1.120  -1.597  1.00 0.49 ? 6  DC  A "H1'"  1 
ATOM   189 H H41    . DC  A 1 6 ? 5.319   -3.436 1.613   1.00 0.43 ? 6  DC  A H41    1 
ATOM   190 H H42    . DC  A 1 6 ? 5.532   -4.588 0.313   1.00 0.45 ? 6  DC  A H42    1 
ATOM   191 H H5     . DC  A 1 6 ? 6.649   -4.049 -1.757  1.00 0.46 ? 6  DC  A H5     1 
ATOM   192 H H6     . DC  A 1 6 ? 7.790   -2.286 -3.018  1.00 0.52 ? 6  DC  A H6     1 
ATOM   193 P P      . DG  A 1 7 ? 12.072  1.620  -3.251  1.00 0.75 ? 7  DG  A P      1 
ATOM   194 O OP1    . DG  A 1 7 ? 12.828  2.748  -3.839  1.00 0.87 ? 7  DG  A OP1    1 
ATOM   195 O OP2    . DG  A 1 7 ? 12.549  0.232  -3.448  1.00 0.80 ? 7  DG  A OP2    1 
ATOM   196 O "O5'"  . DG  A 1 7 ? 11.923  1.881  -1.670  1.00 0.71 ? 7  DG  A "O5'"  1 
ATOM   197 C "C5'"  . DG  A 1 7 ? 11.676  3.206  -1.176  1.00 0.73 ? 7  DG  A "C5'"  1 
ATOM   198 C "C4'"  . DG  A 1 7 ? 11.724  3.282  0.344   1.00 0.72 ? 7  DG  A "C4'"  1 
ATOM   199 O "O4'"  . DG  A 1 7 ? 10.715  2.398  0.840   1.00 0.65 ? 7  DG  A "O4'"  1 
ATOM   200 C "C3'"  . DG  A 1 7 ? 13.086  2.769  0.776   1.00 0.78 ? 7  DG  A "C3'"  1 
ATOM   201 O "O3'"  . DG  A 1 7 ? 13.620  3.554  1.843   1.00 0.88 ? 7  DG  A "O3'"  1 
ATOM   202 C "C2'"  . DG  A 1 7 ? 12.769  1.367  1.241   1.00 0.71 ? 7  DG  A "C2'"  1 
ATOM   203 C "C1'"  . DG  A 1 7 ? 11.324  1.447  1.724   1.00 0.62 ? 7  DG  A "C1'"  1 
ATOM   204 N N9     . DG  A 1 7 ? 10.652  0.136  1.662   1.00 0.56 ? 7  DG  A N9     1 
ATOM   205 C C8     . DG  A 1 7 ? 10.607  -0.770 0.656   1.00 0.59 ? 7  DG  A C8     1 
ATOM   206 N N7     . DG  A 1 7 ? 9.944   -1.861 0.862   1.00 0.58 ? 7  DG  A N7     1 
ATOM   207 C C5     . DG  A 1 7 ? 9.483   -1.667 2.171   1.00 0.51 ? 7  DG  A C5     1 
ATOM   208 C C6     . DG  A 1 7 ? 8.689   -2.511 2.994   1.00 0.51 ? 7  DG  A C6     1 
ATOM   209 O O6     . DG  A 1 7 ? 8.213   -3.613 2.729   1.00 0.57 ? 7  DG  A O6     1 
ATOM   210 N N1     . DG  A 1 7 ? 8.463   -1.937 4.239   1.00 0.49 ? 7  DG  A N1     1 
ATOM   211 C C2     . DG  A 1 7 ? 8.934   -0.707 4.643   1.00 0.49 ? 7  DG  A C2     1 
ATOM   212 N N2     . DG  A 1 7 ? 8.608   -0.319 5.870   1.00 0.53 ? 7  DG  A N2     1 
ATOM   213 N N3     . DG  A 1 7 ? 9.677   0.089  3.878   1.00 0.50 ? 7  DG  A N3     1 
ATOM   214 C C4     . DG  A 1 7 ? 9.914   -0.446 2.663   1.00 0.51 ? 7  DG  A C4     1 
ATOM   215 H "H5'"  . DG  A 1 7 ? 10.685  3.522  -1.475  1.00 0.74 ? 7  DG  A "H5'"  1 
ATOM   216 H "H5''" . DG  A 1 7 ? 12.425  3.884  -1.610  1.00 0.83 ? 7  DG  A "H5''" 1 
ATOM   217 H "H4'"  . DG  A 1 7 ? 11.557  4.302  0.693   1.00 0.77 ? 7  DG  A "H4'"  1 
ATOM   218 H "H3'"  . DG  A 1 7 ? 13.772  2.742  -0.075  1.00 0.83 ? 7  DG  A "H3'"  1 
ATOM   219 H "H2'"  . DG  A 1 7 ? 12.843  0.672  0.395   1.00 0.69 ? 7  DG  A "H2'"  1 
ATOM   220 H "H2''" . DG  A 1 7 ? 13.429  1.080  2.072   1.00 0.77 ? 7  DG  A "H2''" 1 
ATOM   221 H "H1'"  . DG  A 1 7 ? 11.300  1.829  2.747   1.00 0.65 ? 7  DG  A "H1'"  1 
ATOM   222 H H8     . DG  A 1 7 ? 11.120  -0.589 -0.290  1.00 0.65 ? 7  DG  A H8     1 
ATOM   223 H H1     . DG  A 1 7 ? 7.910   -2.484 4.885   1.00 0.52 ? 7  DG  A H1     1 
ATOM   224 H H21    . DG  A 1 7 ? 8.044   -0.918 6.460   1.00 0.55 ? 7  DG  A H21    1 
ATOM   225 H H22    . DG  A 1 7 ? 8.922   0.576  6.213   1.00 0.57 ? 7  DG  A H22    1 
ATOM   226 O "O5'"  . DC  B 2 1 ? 4.476   -5.615 13.160  1.00 1.12 ? 8  DC  B "O5'"  1 
ATOM   227 C "C5'"  . DC  B 2 1 ? 5.329   -5.732 12.017  1.00 1.01 ? 8  DC  B "C5'"  1 
ATOM   228 C "C4'"  . DC  B 2 1 ? 5.922   -4.339 11.793  1.00 0.89 ? 8  DC  B "C4'"  1 
ATOM   229 O "O4'"  . DC  B 2 1 ? 6.768   -4.429 10.649  1.00 0.84 ? 8  DC  B "O4'"  1 
ATOM   230 C "C3'"  . DC  B 2 1 ? 4.774   -3.395 11.491  1.00 0.83 ? 8  DC  B "C3'"  1 
ATOM   231 O "O3'"  . DC  B 2 1 ? 4.922   -2.135 12.161  1.00 0.85 ? 8  DC  B "O3'"  1 
ATOM   232 C "C2'"  . DC  B 2 1 ? 4.918   -3.131 10.003  1.00 0.71 ? 8  DC  B "C2'"  1 
ATOM   233 C "C1'"  . DC  B 2 1 ? 6.374   -3.448 9.671   1.00 0.71 ? 8  DC  B "C1'"  1 
ATOM   234 N N1     . DC  B 2 1 ? 6.507   -3.981 8.298   1.00 0.67 ? 8  DC  B N1     1 
ATOM   235 C C2     . DC  B 2 1 ? 7.092   -3.166 7.339   1.00 0.61 ? 8  DC  B C2     1 
ATOM   236 O O2     . DC  B 2 1 ? 7.465   -2.035 7.635   1.00 0.61 ? 8  DC  B O2     1 
ATOM   237 N N3     . DC  B 2 1 ? 7.229   -3.651 6.074   1.00 0.61 ? 8  DC  B N3     1 
ATOM   238 C C4     . DC  B 2 1 ? 6.812   -4.882 5.763   1.00 0.68 ? 8  DC  B C4     1 
ATOM   239 N N4     . DC  B 2 1 ? 6.953   -5.322 4.513   1.00 0.72 ? 8  DC  B N4     1 
ATOM   240 C C5     . DC  B 2 1 ? 6.210   -5.726 6.743   1.00 0.76 ? 8  DC  B C5     1 
ATOM   241 C C6     . DC  B 2 1 ? 6.076   -5.240 7.992   1.00 0.74 ? 8  DC  B C6     1 
ATOM   242 H "H5'"  . DC  B 2 1 ? 4.752   -6.043 11.148  1.00 1.01 ? 8  DC  B "H5'"  1 
ATOM   243 H "H5''" . DC  B 2 1 ? 6.128   -6.449 12.215  1.00 1.09 ? 8  DC  B "H5''" 1 
ATOM   244 H "H4'"  . DC  B 2 1 ? 6.483   -4.005 12.666  1.00 0.96 ? 8  DC  B "H4'"  1 
ATOM   245 H "H3'"  . DC  B 2 1 ? 3.808   -3.853 11.713  1.00 0.90 ? 8  DC  B "H3'"  1 
ATOM   246 H "H2'"  . DC  B 2 1 ? 4.258   -3.811 9.443   1.00 0.75 ? 8  DC  B "H2'"  1 
ATOM   247 H "H2''" . DC  B 2 1 ? 4.704   -2.078 9.782   1.00 0.68 ? 8  DC  B "H2''" 1 
ATOM   248 H "H1'"  . DC  B 2 1 ? 6.982   -2.550 9.786   1.00 0.70 ? 8  DC  B "H1'"  1 
ATOM   249 H H41    . DC  B 2 1 ? 7.380   -4.727 3.813   1.00 0.69 ? 8  DC  B H41    1 
ATOM   250 H H42    . DC  B 2 1 ? 6.632   -6.246 4.261   1.00 0.81 ? 8  DC  B H42    1 
ATOM   251 H H5     . DC  B 2 1 ? 5.874   -6.731 6.493   1.00 0.85 ? 8  DC  B H5     1 
ATOM   252 H H6     . DC  B 2 1 ? 5.615   -5.856 8.764   1.00 0.82 ? 8  DC  B H6     1 
ATOM   253 H "HO5'" . DC  B 2 1 ? 3.979   -4.799 13.064  1.00 1.37 ? 8  DC  B "HO5'" 1 
ATOM   254 P P      . DG  B 2 2 ? 3.794   -0.991 12.042  1.00 0.86 ? 9  DG  B P      1 
ATOM   255 O OP1    . DG  B 2 2 ? 3.808   -0.189 13.286  1.00 1.02 ? 9  DG  B OP1    1 
ATOM   256 O OP2    . DG  B 2 2 ? 2.535   -1.622 11.586  1.00 0.93 ? 9  DG  B OP2    1 
ATOM   257 O "O5'"  . DG  B 2 2 ? 4.361   -0.075 10.845  1.00 0.73 ? 9  DG  B "O5'"  1 
ATOM   258 C "C5'"  . DG  B 2 2 ? 5.402   0.883  11.094  1.00 0.70 ? 9  DG  B "C5'"  1 
ATOM   259 C "C4'"  . DG  B 2 2 ? 5.597   1.854  9.939   1.00 0.58 ? 9  DG  B "C4'"  1 
ATOM   260 O "O4'"  . DG  B 2 2 ? 6.014   1.089  8.808   1.00 0.51 ? 9  DG  B "O4'"  1 
ATOM   261 C "C3'"  . DG  B 2 2 ? 4.244   2.474  9.642   1.00 0.60 ? 9  DG  B "C3'"  1 
ATOM   262 O "O3'"  . DG  B 2 2 ? 4.347   3.869  9.329   1.00 0.60 ? 9  DG  B "O3'"  1 
ATOM   263 C "C2'"  . DG  B 2 2 ? 3.824   1.763  8.370   1.00 0.54 ? 9  DG  B "C2'"  1 
ATOM   264 C "C1'"  . DG  B 2 2 ? 5.138   1.371  7.708   1.00 0.46 ? 9  DG  B "C1'"  1 
ATOM   265 N N9     . DG  B 2 2 ? 4.977   0.199  6.830   1.00 0.44 ? 9  DG  B N9     1 
ATOM   266 C C8     . DG  B 2 2 ? 4.415   -1.007 7.084   1.00 0.49 ? 9  DG  B C8     1 
ATOM   267 N N7     . DG  B 2 2 ? 4.407   -1.876 6.129   1.00 0.48 ? 9  DG  B N7     1 
ATOM   268 C C5     . DG  B 2 2 ? 5.041   -1.170 5.100   1.00 0.41 ? 9  DG  B C5     1 
ATOM   269 C C6     . DG  B 2 2 ? 5.346   -1.569 3.771   1.00 0.40 ? 9  DG  B C6     1 
ATOM   270 O O6     . DG  B 2 2 ? 5.118   -2.645 3.223   1.00 0.44 ? 9  DG  B O6     1 
ATOM   271 N N1     . DG  B 2 2 ? 5.986   -0.557 3.072   1.00 0.38 ? 9  DG  B N1     1 
ATOM   272 C C2     . DG  B 2 2 ? 6.297   0.686  3.578   1.00 0.38 ? 9  DG  B C2     1 
ATOM   273 N N2     . DG  B 2 2 ? 6.915   1.521  2.755   1.00 0.44 ? 9  DG  B N2     1 
ATOM   274 N N3     . DG  B 2 2 ? 6.014   1.070  4.820   1.00 0.37 ? 9  DG  B N3     1 
ATOM   275 C C4     . DG  B 2 2 ? 5.391   0.100  5.525   1.00 0.38 ? 9  DG  B C4     1 
ATOM   276 H "H5'"  . DG  B 2 2 ? 6.342   0.368  11.234  1.00 0.73 ? 9  DG  B "H5'"  1 
ATOM   277 H "H5''" . DG  B 2 2 ? 5.147   1.439  12.010  1.00 0.81 ? 9  DG  B "H5''" 1 
ATOM   278 H "H4'"  . DG  B 2 2 ? 6.333   2.619  10.186  1.00 0.60 ? 9  DG  B "H4'"  1 
ATOM   279 H "H3'"  . DG  B 2 2 ? 3.534   2.291  10.453  1.00 0.69 ? 9  DG  B "H3'"  1 
ATOM   280 H "H2'"  . DG  B 2 2 ? 3.248   0.863  8.623   1.00 0.58 ? 9  DG  B "H2'"  1 
ATOM   281 H "H2''" . DG  B 2 2 ? 3.263   2.444  7.721   1.00 0.56 ? 9  DG  B "H2''" 1 
ATOM   282 H "H1'"  . DG  B 2 2 ? 5.524   2.216  7.134   1.00 0.44 ? 9  DG  B "H1'"  1 
ATOM   283 H H8     . DG  B 2 2 ? 3.982   -1.233 8.058   1.00 0.57 ? 9  DG  B H8     1 
ATOM   284 H H1     . DG  B 2 2 ? 6.235   -0.771 2.116   1.00 0.42 ? 9  DG  B H1     1 
ATOM   285 H H21    . DG  B 2 2 ? 7.128   1.234  1.807   1.00 0.47 ? 9  DG  B H21    1 
ATOM   286 H H22    . DG  B 2 2 ? 7.171   2.445  3.072   1.00 0.48 ? 9  DG  B H22    1 
ATOM   287 P P      . DC  B 2 3 ? 3.056   4.727  8.880   1.00 0.67 ? 10 DC  B P      1 
ATOM   288 O OP1    . DC  B 2 3 ? 3.033   5.971  9.679   1.00 0.79 ? 10 DC  B OP1    1 
ATOM   289 O OP2    . DC  B 2 3 ? 1.876   3.833  8.872   1.00 0.75 ? 10 DC  B OP2    1 
ATOM   290 O "O5'"  . DC  B 2 3 ? 3.405   5.112  7.356   1.00 0.60 ? 10 DC  B "O5'"  1 
ATOM   291 C "C5'"  . DC  B 2 3 ? 4.561   5.903  7.046   1.00 0.57 ? 10 DC  B "C5'"  1 
ATOM   292 C "C4'"  . DC  B 2 3 ? 4.775   6.032  5.539   1.00 0.52 ? 10 DC  B "C4'"  1 
ATOM   293 O "O4'"  . DC  B 2 3 ? 4.852   4.705  5.018   1.00 0.48 ? 10 DC  B "O4'"  1 
ATOM   294 C "C3'"  . DC  B 2 3 ? 3.551   6.720  4.970   1.00 0.56 ? 10 DC  B "C3'"  1 
ATOM   295 O "O3'"  . DC  B 2 3 ? 3.882   7.638  3.919   1.00 0.58 ? 10 DC  B "O3'"  1 
ATOM   296 C "C2'"  . DC  B 2 3 ? 2.784   5.581  4.332   1.00 0.56 ? 10 DC  B "C2'"  1 
ATOM   297 C "C1'"  . DC  B 2 3 ? 3.838   4.521  4.017   1.00 0.48 ? 10 DC  B "C1'"  1 
ATOM   298 N N1     . DC  B 2 3 ? 3.266   3.159  4.077   1.00 0.47 ? 10 DC  B N1     1 
ATOM   299 C C2     . DC  B 2 3 ? 3.385   2.361  2.950   1.00 0.46 ? 10 DC  B C2     1 
ATOM   300 O O2     . DC  B 2 3 ? 3.944   2.789  1.943   1.00 0.47 ? 10 DC  B O2     1 
ATOM   301 N N3     . DC  B 2 3 ? 2.872   1.102  2.993   1.00 0.47 ? 10 DC  B N3     1 
ATOM   302 C C4     . DC  B 2 3 ? 2.269   0.640  4.094   1.00 0.49 ? 10 DC  B C4     1 
ATOM   303 N N4     . DC  B 2 3 ? 1.779   -0.599 4.099   1.00 0.53 ? 10 DC  B N4     1 
ATOM   304 C C5     . DC  B 2 3 ? 2.144   1.458  5.260   1.00 0.51 ? 10 DC  B C5     1 
ATOM   305 C C6     . DC  B 2 3 ? 2.654   2.703  5.209   1.00 0.50 ? 10 DC  B C6     1 
ATOM   306 H "H5'"  . DC  B 2 3 ? 5.440   5.434  7.489   1.00 0.59 ? 10 DC  B "H5'"  1 
ATOM   307 H "H5''" . DC  B 2 3 ? 4.436   6.898  7.474   1.00 0.65 ? 10 DC  B "H5''" 1 
ATOM   308 H "H4'"  . DC  B 2 3 ? 5.682   6.591  5.316   1.00 0.54 ? 10 DC  B "H4'"  1 
ATOM   309 H "H3'"  . DC  B 2 3 ? 2.963   7.203  5.755   1.00 0.61 ? 10 DC  B "H3'"  1 
ATOM   310 H "H2'"  . DC  B 2 3 ? 2.054   5.181  5.049   1.00 0.60 ? 10 DC  B "H2'"  1 
ATOM   311 H "H2''" . DC  B 2 3 ? 2.305   5.920  3.407   1.00 0.63 ? 10 DC  B "H2''" 1 
ATOM   312 H "H1'"  . DC  B 2 3 ? 4.259   4.706  3.027   1.00 0.51 ? 10 DC  B "H1'"  1 
ATOM   313 H H41    . DC  B 2 3 ? 1.866   -1.179 3.274   1.00 0.53 ? 10 DC  B H41    1 
ATOM   314 H H42    . DC  B 2 3 ? 1.325   -0.959 4.926   1.00 0.57 ? 10 DC  B H42    1 
ATOM   315 H H5     . DC  B 2 3 ? 1.655   1.086  6.160   1.00 0.56 ? 10 DC  B H5     1 
ATOM   316 H H6     . DC  B 2 3 ? 2.575   3.355  6.077   1.00 0.54 ? 10 DC  B H6     1 
ATOM   317 P P      . DA  B 2 4 ? 2.762   8.590  3.254   1.00 0.65 ? 11 DA  B P      1 
ATOM   318 O OP1    . DA  B 2 4 ? 3.283   9.975  3.239   1.00 0.80 ? 11 DA  B OP1    1 
ATOM   319 O OP2    . DA  B 2 4 ? 1.456   8.300  3.890   1.00 0.72 ? 11 DA  B OP2    1 
ATOM   320 O "O5'"  . DA  B 2 4 ? 2.708   8.056  1.737   1.00 0.55 ? 11 DA  B "O5'"  1 
ATOM   321 C "C5'"  . DA  B 2 4 ? 3.829   8.232  0.863   1.00 0.56 ? 11 DA  B "C5'"  1 
ATOM   322 C "C4'"  . DA  B 2 4 ? 3.628   7.519  -0.472  1.00 0.49 ? 11 DA  B "C4'"  1 
ATOM   323 O "O4'"  . DA  B 2 4 ? 3.412   6.138  -0.180  1.00 0.46 ? 11 DA  B "O4'"  1 
ATOM   324 C "C3'"  . DA  B 2 4 ? 2.378   8.096  -1.102  1.00 0.48 ? 11 DA  B "C3'"  1 
ATOM   325 O "O3'"  . DA  B 2 4 ? 2.508   8.226  -2.527  1.00 0.49 ? 11 DA  B "O3'"  1 
ATOM   326 C "C2'"  . DA  B 2 4 ? 1.341   7.022  -0.833  1.00 0.46 ? 11 DA  B "C2'"  1 
ATOM   327 C "C1'"  . DA  B 2 4 ? 2.138   5.728  -0.707  1.00 0.45 ? 11 DA  B "C1'"  1 
ATOM   328 N N9     . DA  B 2 4 ? 1.467   4.770  0.194   1.00 0.45 ? 11 DA  B N9     1 
ATOM   329 C C8     . DA  B 2 4 ? 0.984   4.954  1.447   1.00 0.46 ? 11 DA  B C8     1 
ATOM   330 N N7     . DA  B 2 4 ? 0.441   3.940  2.033   1.00 0.47 ? 11 DA  B N7     1 
ATOM   331 C C5     . DA  B 2 4 ? 0.567   2.950  1.052   1.00 0.45 ? 11 DA  B C5     1 
ATOM   332 C C6     . DA  B 2 4 ? 0.191   1.606  1.013   1.00 0.46 ? 11 DA  B C6     1 
ATOM   333 N N6     . DA  B 2 4 ? -0.424  0.995  2.022   1.00 0.49 ? 11 DA  B N6     1 
ATOM   334 N N1     . DA  B 2 4 ? 0.466   0.917  -0.109  1.00 0.46 ? 11 DA  B N1     1 
ATOM   335 C C2     . DA  B 2 4 ? 1.078   1.515  -1.134  1.00 0.46 ? 11 DA  B C2     1 
ATOM   336 N N3     . DA  B 2 4 ? 1.478   2.780  -1.202  1.00 0.45 ? 11 DA  B N3     1 
ATOM   337 C C4     . DA  B 2 4 ? 1.191   3.448  -0.068  1.00 0.44 ? 11 DA  B C4     1 
ATOM   338 H "H5'"  . DA  B 2 4 ? 4.722   7.835  1.346   1.00 0.62 ? 11 DA  B "H5'"  1 
ATOM   339 H "H5''" . DA  B 2 4 ? 3.971   9.297  0.678   1.00 0.64 ? 11 DA  B "H5''" 1 
ATOM   340 H "H4'"  . DA  B 2 4 ? 4.492   7.650  -1.121  1.00 0.53 ? 11 DA  B "H4'"  1 
ATOM   341 H "H3'"  . DA  B 2 4 ? 2.097   9.043  -0.636  1.00 0.52 ? 11 DA  B "H3'"  1 
ATOM   342 H "H2'"  . DA  B 2 4 ? 0.832   7.238  0.117   1.00 0.49 ? 11 DA  B "H2'"  1 
ATOM   343 H "H2''" . DA  B 2 4 ? 0.636   6.952  -1.668  1.00 0.48 ? 11 DA  B "H2''" 1 
ATOM   344 H "H1'"  . DA  B 2 4 ? 2.272   5.281  -1.694  1.00 0.47 ? 11 DA  B "H1'"  1 
ATOM   345 H H8     . DA  B 2 4 ? 1.047   5.924  1.939   1.00 0.48 ? 11 DA  B H8     1 
ATOM   346 H H61    . DA  B 2 4 ? -0.675  0.018  1.943   1.00 0.50 ? 11 DA  B H61    1 
ATOM   347 H H62    . DA  B 2 4 ? -0.641  1.506  2.866   1.00 0.51 ? 11 DA  B H62    1 
ATOM   348 H H2     . DA  B 2 4 ? 1.269   0.898  -2.012  1.00 0.48 ? 11 DA  B H2     1 
ATOM   349 P P      . DC  B 2 5 ? 1.245   8.562  -3.474  1.00 0.50 ? 12 DC  B P      1 
ATOM   350 O OP1    . DC  B 2 5 ? 1.683   9.534  -4.500  1.00 0.67 ? 12 DC  B OP1    1 
ATOM   351 O OP2    . DC  B 2 5 ? 0.077   8.871  -2.615  1.00 0.56 ? 12 DC  B OP2    1 
ATOM   352 O "O5'"  . DC  B 2 5 ? 0.981   7.150  -4.199  1.00 0.47 ? 12 DC  B "O5'"  1 
ATOM   353 C "C5'"  . DC  B 2 5 ? 2.017   6.541  -4.979  1.00 0.55 ? 12 DC  B "C5'"  1 
ATOM   354 C "C4'"  . DC  B 2 5 ? 1.571   5.214  -5.587  1.00 0.55 ? 12 DC  B "C4'"  1 
ATOM   355 O "O4'"  . DC  B 2 5 ? 1.175   4.372  -4.508  1.00 0.53 ? 12 DC  B "O4'"  1 
ATOM   356 C "C3'"  . DC  B 2 5 ? 0.375   5.505  -6.467  1.00 0.51 ? 12 DC  B "C3'"  1 
ATOM   357 O "O3'"  . DC  B 2 5 ? 0.427   4.786  -7.707  1.00 0.62 ? 12 DC  B "O3'"  1 
ATOM   358 C "C2'"  . DC  B 2 5 ? -0.791  4.942  -5.675  1.00 0.45 ? 12 DC  B "C2'"  1 
ATOM   359 C "C1'"  . DC  B 2 5 ? -0.178  3.927  -4.708  1.00 0.48 ? 12 DC  B "C1'"  1 
ATOM   360 N N1     . DC  B 2 5 ? -0.914  3.896  -3.427  1.00 0.43 ? 12 DC  B N1     1 
ATOM   361 C C2     . DC  B 2 5 ? -1.501  2.698  -3.043  1.00 0.43 ? 12 DC  B C2     1 
ATOM   362 O O2     . DC  B 2 5 ? -1.407  1.704  -3.758  1.00 0.49 ? 12 DC  B O2     1 
ATOM   363 N N3     . DC  B 2 5 ? -2.168  2.658  -1.859  1.00 0.42 ? 12 DC  B N3     1 
ATOM   364 C C4     . DC  B 2 5 ? -2.262  3.743  -1.084  1.00 0.42 ? 12 DC  B C4     1 
ATOM   365 N N4     . DC  B 2 5 ? -2.921  3.665  0.068   1.00 0.45 ? 12 DC  B N4     1 
ATOM   366 C C5     . DC  B 2 5 ? -1.662  4.980  -1.474  1.00 0.44 ? 12 DC  B C5     1 
ATOM   367 C C6     . DC  B 2 5 ? -1.003  5.012  -2.645  1.00 0.44 ? 12 DC  B C6     1 
ATOM   368 H "H5'"  . DC  B 2 5 ? 2.883   6.364  -4.341  1.00 0.63 ? 12 DC  B "H5'"  1 
ATOM   369 H "H5''" . DC  B 2 5 ? 2.301   7.221  -5.782  1.00 0.61 ? 12 DC  B "H5''" 1 
ATOM   370 H "H4'"  . DC  B 2 5 ? 2.377   4.755  -6.161  1.00 0.66 ? 12 DC  B "H4'"  1 
ATOM   371 H "H3'"  . DC  B 2 5 ? 0.252   6.577  -6.634  1.00 0.50 ? 12 DC  B "H3'"  1 
ATOM   372 H "H2'"  . DC  B 2 5 ? -1.269  5.748  -5.105  1.00 0.42 ? 12 DC  B "H2'"  1 
ATOM   373 H "H2''" . DC  B 2 5 ? -1.497  4.439  -6.345  1.00 0.50 ? 12 DC  B "H2''" 1 
ATOM   374 H "H1'"  . DC  B 2 5 ? -0.179  2.936  -5.164  1.00 0.54 ? 12 DC  B "H1'"  1 
ATOM   375 H H41    . DC  B 2 5 ? -3.348  2.789  0.347   1.00 0.46 ? 12 DC  B H41    1 
ATOM   376 H H42    . DC  B 2 5 ? -2.999  4.476  0.663   1.00 0.48 ? 12 DC  B H42    1 
ATOM   377 H H5     . DC  B 2 5 ? -1.735  5.866  -0.843  1.00 0.49 ? 12 DC  B H5     1 
ATOM   378 H H6     . DC  B 2 5 ? -0.535  5.939  -2.978  1.00 0.49 ? 12 DC  B H6     1 
ATOM   379 P P      . DG  B 2 6 ? -0.727  4.950  -8.819  1.00 0.65 ? 13 DG  B P      1 
ATOM   380 O OP1    . DG  B 2 6 ? -0.094  4.882  -10.155 1.00 0.79 ? 13 DG  B OP1    1 
ATOM   381 O OP2    . DG  B 2 6 ? -1.566  6.116  -8.460  1.00 0.61 ? 13 DG  B OP2    1 
ATOM   382 O "O5'"  . DG  B 2 6 ? -1.603  3.615  -8.607  1.00 0.67 ? 13 DG  B "O5'"  1 
ATOM   383 C "C5'"  . DG  B 2 6 ? -1.068  2.329  -8.961  1.00 0.74 ? 13 DG  B "C5'"  1 
ATOM   384 C "C4'"  . DG  B 2 6 ? -2.061  1.196  -8.735  1.00 0.71 ? 13 DG  B "C4'"  1 
ATOM   385 O "O4'"  . DG  B 2 6 ? -2.351  1.164  -7.339  1.00 0.62 ? 13 DG  B "O4'"  1 
ATOM   386 C "C3'"  . DG  B 2 6 ? -3.327  1.547  -9.496  1.00 0.72 ? 13 DG  B "C3'"  1 
ATOM   387 O "O3'"  . DG  B 2 6 ? -3.892  0.408  -10.167 1.00 0.80 ? 13 DG  B "O3'"  1 
ATOM   388 C "C2'"  . DG  B 2 6 ? -4.288  1.931  -8.385  1.00 0.61 ? 13 DG  B "C2'"  1 
ATOM   389 C "C1'"  . DG  B 2 6 ? -3.773  1.187  -7.159  1.00 0.54 ? 13 DG  B "C1'"  1 
ATOM   390 N N9     . DG  B 2 6 ? -4.152  1.869  -5.910  1.00 0.45 ? 13 DG  B N9     1 
ATOM   391 C C8     . DG  B 2 6 ? -3.913  3.141  -5.511  1.00 0.44 ? 13 DG  B C8     1 
ATOM   392 N N7     . DG  B 2 6 ? -4.343  3.495  -4.347  1.00 0.41 ? 13 DG  B N7     1 
ATOM   393 C C5     . DG  B 2 6 ? -4.952  2.316  -3.903  1.00 0.36 ? 13 DG  B C5     1 
ATOM   394 C C6     . DG  B 2 6 ? -5.622  2.041  -2.682  1.00 0.36 ? 13 DG  B C6     1 
ATOM   395 O O6     . DG  B 2 6 ? -5.819  2.796  -1.734  1.00 0.42 ? 13 DG  B O6     1 
ATOM   396 N N1     . DG  B 2 6 ? -6.084  0.734  -2.638  1.00 0.35 ? 13 DG  B N1     1 
ATOM   397 C C2     . DG  B 2 6 ? -5.925  -0.198 -3.640  1.00 0.37 ? 13 DG  B C2     1 
ATOM   398 N N2     . DG  B 2 6 ? -6.434  -1.404 -3.412  1.00 0.42 ? 13 DG  B N2     1 
ATOM   399 N N3     . DG  B 2 6 ? -5.298  0.051  -4.789  1.00 0.40 ? 13 DG  B N3     1 
ATOM   400 C C4     . DG  B 2 6 ? -4.837  1.318  -4.856  1.00 0.39 ? 13 DG  B C4     1 
ATOM   401 H "H5'"  . DG  B 2 6 ? -0.205  2.116  -8.345  1.00 0.79 ? 13 DG  B "H5'"  1 
ATOM   402 H "H5''" . DG  B 2 6 ? -0.768  2.359  -10.019 1.00 0.84 ? 13 DG  B "H5''" 1 
ATOM   403 H "H4'"  . DG  B 2 6 ? -1.655  0.243  -9.071  1.00 0.78 ? 13 DG  B "H4'"  1 
ATOM   404 H "H3'"  . DG  B 2 6 ? -3.164  2.381  -10.182 1.00 0.77 ? 13 DG  B "H3'"  1 
ATOM   405 H "H2'"  . DG  B 2 6 ? -4.238  3.014  -8.212  1.00 0.60 ? 13 DG  B "H2'"  1 
ATOM   406 H "H2''" . DG  B 2 6 ? -5.302  1.599  -8.626  1.00 0.66 ? 13 DG  B "H2''" 1 
ATOM   407 H "H1'"  . DG  B 2 6 ? -4.160  0.166  -7.159  1.00 0.57 ? 13 DG  B "H1'"  1 
ATOM   408 H H8     . DG  B 2 6 ? -3.381  3.843  -6.152  1.00 0.50 ? 13 DG  B H8     1 
ATOM   409 H H1     . DG  B 2 6 ? -6.575  0.464  -1.796  1.00 0.38 ? 13 DG  B H1     1 
ATOM   410 H H21    . DG  B 2 6 ? -6.910  -1.599 -2.541  1.00 0.43 ? 13 DG  B H21    1 
ATOM   411 H H22    . DG  B 2 6 ? -6.345  -2.127 -4.111  1.00 0.48 ? 13 DG  B H22    1 
ATOM   412 P P      . DC  B 2 7 ? -5.340  0.476  -10.878 1.00 0.88 ? 14 DC  B P      1 
ATOM   413 O OP1    . DC  B 2 7 ? -5.268  -0.284 -12.145 1.00 1.05 ? 14 DC  B OP1    1 
ATOM   414 O OP2    . DC  B 2 7 ? -5.794  1.887  -10.892 1.00 0.89 ? 14 DC  B OP2    1 
ATOM   415 O "O5'"  . DC  B 2 7 ? -6.274  -0.343 -9.852  1.00 0.83 ? 14 DC  B "O5'"  1 
ATOM   416 C "C5'"  . DC  B 2 7 ? -6.107  -1.757 -9.686  1.00 0.84 ? 14 DC  B "C5'"  1 
ATOM   417 C "C4'"  . DC  B 2 7 ? -7.164  -2.350 -8.755  1.00 0.81 ? 14 DC  B "C4'"  1 
ATOM   418 O "O4'"  . DC  B 2 7 ? -7.088  -1.623 -7.527  1.00 0.71 ? 14 DC  B "O4'"  1 
ATOM   419 C "C3'"  . DC  B 2 7 ? -8.518  -2.105 -9.396  1.00 0.88 ? 14 DC  B "C3'"  1 
ATOM   420 O "O3'"  . DC  B 2 7 ? -9.391  -3.222 -9.202  1.00 0.95 ? 14 DC  B "O3'"  1 
ATOM   421 C "C2'"  . DC  B 2 7 ? -9.017  -0.889 -8.648  1.00 0.82 ? 14 DC  B "C2'"  1 
ATOM   422 C "C1'"  . DC  B 2 7 ? -8.340  -0.968 -7.276  1.00 0.69 ? 14 DC  B "C1'"  1 
ATOM   423 N N1     . DC  B 2 7 ? -8.132  0.374  -6.681  1.00 0.62 ? 14 DC  B N1     1 
ATOM   424 C C2     . DC  B 2 7 ? -8.579  0.577  -5.382  1.00 0.59 ? 14 DC  B C2     1 
ATOM   425 O O2     . DC  B 2 7 ? -9.129  -0.332 -4.768  1.00 0.62 ? 14 DC  B O2     1 
ATOM   426 N N3     . DC  B 2 7 ? -8.385  1.798  -4.815  1.00 0.57 ? 14 DC  B N3     1 
ATOM   427 C C4     . DC  B 2 7 ? -7.778  2.782  -5.488  1.00 0.58 ? 14 DC  B C4     1 
ATOM   428 N N4     . DC  B 2 7 ? -7.599  3.960  -4.894  1.00 0.61 ? 14 DC  B N4     1 
ATOM   429 C C5     . DC  B 2 7 ? -7.316  2.582  -6.825  1.00 0.61 ? 14 DC  B C5     1 
ATOM   430 C C6     . DC  B 2 7 ? -7.514  1.371  -7.381  1.00 0.63 ? 14 DC  B C6     1 
ATOM   431 H "H5'"  . DC  B 2 7 ? -5.117  -1.949 -9.270  1.00 0.84 ? 14 DC  B "H5'"  1 
ATOM   432 H "H5''" . DC  B 2 7 ? -6.183  -2.240 -10.661 1.00 0.95 ? 14 DC  B "H5''" 1 
ATOM   433 H "H4'"  . DC  B 2 7 ? -6.992  -3.412 -8.591  1.00 0.85 ? 14 DC  B "H4'"  1 
ATOM   434 H "H3'"  . DC  B 2 7 ? -8.402  -1.880 -10.458 1.00 0.96 ? 14 DC  B "H3'"  1 
ATOM   435 H "H2'"  . DC  B 2 7 ? -8.700  0.021  -9.172  1.00 0.83 ? 14 DC  B "H2'"  1 
ATOM   436 H "H2''" . DC  B 2 7 ? -10.107 -0.938 -8.530  1.00 0.88 ? 14 DC  B "H2''" 1 
ATOM   437 H "H1'"  . DC  B 2 7 ? -8.944  -1.582 -6.606  1.00 0.71 ? 14 DC  B "H1'"  1 
ATOM   438 H H41    . DC  B 2 7 ? -7.925  4.102  -3.946  1.00 0.62 ? 14 DC  B H41    1 
ATOM   439 H H42    . DC  B 2 7 ? -7.136  4.711  -5.386  1.00 0.66 ? 14 DC  B H42    1 
ATOM   440 H H5     . DC  B 2 7 ? -6.825  3.384  -7.377  1.00 0.65 ? 14 DC  B H5     1 
ATOM   441 H H6     . DC  B 2 7 ? -7.173  1.184  -8.398  1.00 0.69 ? 14 DC  B H6     1 
# 
